data_8F9C
#
_entry.id   8F9C
#
_cell.length_a   101.423
_cell.length_b   101.423
_cell.length_c   321.949
_cell.angle_alpha   90.00
_cell.angle_beta   90.00
_cell.angle_gamma   120.00
#
_symmetry.space_group_name_H-M   'P 61'
#
loop_
_entity.id
_entity.type
_entity.pdbx_description
1 polymer Procaspase-6
2 non-polymer 5-fluoro-2-({[(3M)-3-(4H-1,2,4-triazol-3-yl)pyridin-2-yl]amino}methyl)phenol
3 water water
#
_entity_poly.entity_id   1
_entity_poly.type   'polypeptide(L)'
_entity_poly.pdbx_seq_one_letter_code
;MSSASGLRRGHPAGGEENMTETDAFYKREMFDPAEKYKMDHRRRGIALIFNHERFFWHLTLPERRGTCADRDNLTRRFSD
LGFEVKCFNDLKAEELLLKIHEVSTVSHADADCFVCVFLSHGEGNHIYAYDAKIEIQTLTGLFKGDKCHSLVGKPKIFII
QAARGNQHDVPVIPLDVVDNQTEKLDTNITEVDAASVYTLPAGADFLMCYSVAEGYYSHRETVNGSWYIQDLCEMLGKYG
SSLEFTELLTLVNRKVSQRRVDFCKDPSAIGKKQVPCFASMLTKKLHFFPKSNENLYFQ
;
_entity_poly.pdbx_strand_id   A,B,C,D
#
# COMPACT_ATOMS: atom_id res chain seq x y z
N MET A 30 -15.37 -32.91 26.15
CA MET A 30 -16.32 -31.79 25.94
C MET A 30 -16.33 -31.35 24.46
N PHE A 31 -15.15 -31.16 23.85
CA PHE A 31 -14.92 -30.45 22.56
C PHE A 31 -15.40 -31.29 21.36
N ASP A 32 -16.01 -30.67 20.34
CA ASP A 32 -16.87 -31.36 19.32
C ASP A 32 -16.58 -30.86 17.90
N PRO A 33 -15.98 -31.69 17.03
CA PRO A 33 -15.69 -31.27 15.64
C PRO A 33 -16.87 -30.92 14.71
N ALA A 34 -18.11 -31.28 15.06
CA ALA A 34 -19.30 -31.10 14.20
C ALA A 34 -20.23 -30.03 14.80
N GLU A 35 -19.72 -29.28 15.77
CA GLU A 35 -20.45 -28.18 16.47
C GLU A 35 -20.88 -27.14 15.43
N LYS A 36 -22.15 -26.75 15.50
CA LYS A 36 -22.82 -25.74 14.63
C LYS A 36 -23.03 -24.44 15.42
N TYR A 37 -23.04 -23.30 14.73
CA TYR A 37 -23.55 -22.04 15.29
C TYR A 37 -24.99 -22.32 15.72
N LYS A 38 -25.43 -21.75 16.85
CA LYS A 38 -26.84 -21.90 17.29
C LYS A 38 -27.71 -21.00 16.42
N MET A 39 -28.64 -21.60 15.69
CA MET A 39 -29.41 -20.91 14.63
C MET A 39 -30.92 -21.09 14.88
N ASP A 40 -31.30 -21.05 16.17
CA ASP A 40 -32.67 -21.31 16.70
C ASP A 40 -33.14 -20.09 17.52
N HIS A 41 -32.63 -18.88 17.28
CA HIS A 41 -33.12 -17.62 17.88
C HIS A 41 -34.49 -17.28 17.25
N ARG A 42 -35.22 -16.30 17.78
CA ARG A 42 -36.60 -15.98 17.30
C ARG A 42 -36.54 -15.58 15.81
N ARG A 43 -35.66 -14.63 15.45
CA ARG A 43 -35.46 -14.16 14.05
C ARG A 43 -34.11 -14.65 13.52
N ARG A 44 -34.00 -14.84 12.20
CA ARG A 44 -32.72 -15.15 11.50
C ARG A 44 -31.76 -13.97 11.65
N GLY A 45 -32.23 -12.76 11.35
CA GLY A 45 -31.50 -11.49 11.53
C GLY A 45 -31.59 -10.59 10.30
N ILE A 46 -30.82 -9.51 10.29
CA ILE A 46 -30.87 -8.51 9.18
C ILE A 46 -29.90 -8.90 8.07
N ALA A 47 -30.30 -8.66 6.82
CA ALA A 47 -29.42 -8.57 5.64
C ALA A 47 -29.45 -7.12 5.13
N LEU A 48 -28.39 -6.35 5.34
CA LEU A 48 -28.19 -5.05 4.67
C LEU A 48 -27.72 -5.30 3.23
N ILE A 49 -28.30 -4.59 2.26
CA ILE A 49 -27.79 -4.55 0.85
C ILE A 49 -27.62 -3.10 0.41
N PHE A 50 -26.38 -2.63 0.36
CA PHE A 50 -26.00 -1.32 -0.21
C PHE A 50 -25.76 -1.50 -1.70
N ASN A 51 -26.62 -0.90 -2.52
CA ASN A 51 -26.64 -1.10 -3.99
C ASN A 51 -26.32 0.21 -4.70
N HIS A 52 -25.19 0.26 -5.40
CA HIS A 52 -24.66 1.46 -6.09
C HIS A 52 -24.62 1.23 -7.60
N GLU A 53 -25.37 2.04 -8.35
CA GLU A 53 -25.53 1.98 -9.83
C GLU A 53 -24.83 3.17 -10.48
N ARG A 54 -24.93 4.35 -9.86
CA ARG A 54 -24.46 5.64 -10.39
C ARG A 54 -23.63 6.30 -9.29
N PHE A 55 -22.79 7.25 -9.69
CA PHE A 55 -21.84 7.95 -8.78
C PHE A 55 -21.81 9.43 -9.13
N PHE A 56 -21.53 10.26 -8.13
CA PHE A 56 -21.18 11.69 -8.29
C PHE A 56 -20.35 11.87 -9.57
N TRP A 57 -20.68 12.87 -10.40
CA TRP A 57 -20.04 13.06 -11.73
C TRP A 57 -18.52 13.07 -11.55
N HIS A 58 -18.04 13.83 -10.55
CA HIS A 58 -16.61 14.25 -10.39
C HIS A 58 -15.75 13.11 -9.81
N LEU A 59 -16.32 11.91 -9.65
CA LEU A 59 -15.58 10.66 -9.35
C LEU A 59 -15.20 9.93 -10.66
N THR A 60 -15.95 10.14 -11.75
CA THR A 60 -15.66 9.55 -13.08
C THR A 60 -15.59 8.03 -12.92
N LEU A 61 -16.66 7.45 -12.40
CA LEU A 61 -16.88 5.99 -12.29
C LEU A 61 -18.11 5.66 -13.11
N PRO A 62 -18.08 4.58 -13.92
CA PRO A 62 -19.21 4.22 -14.76
C PRO A 62 -20.42 3.63 -14.03
N GLU A 63 -21.62 3.89 -14.56
CA GLU A 63 -22.87 3.17 -14.21
C GLU A 63 -22.57 1.67 -14.14
N ARG A 64 -23.19 0.98 -13.19
CA ARG A 64 -23.03 -0.48 -13.08
C ARG A 64 -24.36 -1.13 -13.54
N ARG A 65 -24.68 -1.03 -14.83
CA ARG A 65 -25.97 -1.55 -15.37
C ARG A 65 -26.02 -3.06 -15.09
N GLY A 66 -27.04 -3.50 -14.34
CA GLY A 66 -27.23 -4.91 -13.96
C GLY A 66 -27.20 -5.08 -12.45
N THR A 67 -26.74 -4.07 -11.71
CA THR A 67 -26.57 -4.16 -10.24
C THR A 67 -27.95 -4.35 -9.58
N CYS A 68 -29.02 -3.89 -10.23
CA CYS A 68 -30.39 -3.99 -9.70
C CYS A 68 -30.79 -5.48 -9.72
N ALA A 69 -30.41 -6.21 -10.77
CA ALA A 69 -30.67 -7.66 -10.86
C ALA A 69 -30.01 -8.37 -9.67
N ASP A 70 -28.80 -7.94 -9.31
CA ASP A 70 -28.05 -8.50 -8.16
C ASP A 70 -28.83 -8.21 -6.87
N ARG A 71 -29.20 -6.95 -6.68
CA ARG A 71 -29.92 -6.47 -5.46
C ARG A 71 -31.20 -7.28 -5.28
N ASP A 72 -31.96 -7.49 -6.37
CA ASP A 72 -33.30 -8.12 -6.32
C ASP A 72 -33.12 -9.61 -6.07
N ASN A 73 -32.26 -10.26 -6.86
CA ASN A 73 -31.95 -11.71 -6.75
C ASN A 73 -31.48 -12.02 -5.31
N LEU A 74 -30.59 -11.21 -4.75
CA LEU A 74 -30.13 -11.38 -3.35
C LEU A 74 -31.34 -11.19 -2.41
N THR A 75 -32.08 -10.08 -2.56
CA THR A 75 -33.22 -9.74 -1.67
C THR A 75 -34.14 -10.96 -1.60
N ARG A 76 -34.43 -11.58 -2.74
CA ARG A 76 -35.37 -12.73 -2.75
C ARG A 76 -34.72 -13.87 -1.95
N ARG A 77 -33.49 -14.26 -2.29
CA ARG A 77 -32.90 -15.52 -1.78
C ARG A 77 -32.70 -15.41 -0.27
N PHE A 78 -32.30 -14.24 0.20
CA PHE A 78 -32.03 -14.00 1.64
C PHE A 78 -33.36 -13.92 2.39
N SER A 79 -34.42 -13.38 1.78
CA SER A 79 -35.80 -13.40 2.36
C SER A 79 -36.24 -14.84 2.58
N ASP A 80 -36.08 -15.72 1.60
CA ASP A 80 -36.55 -17.12 1.70
C ASP A 80 -35.81 -17.83 2.85
N LEU A 81 -34.67 -17.32 3.29
CA LEU A 81 -33.88 -17.96 4.37
C LEU A 81 -34.25 -17.34 5.73
N GLY A 82 -35.17 -16.38 5.75
CA GLY A 82 -35.73 -15.81 6.99
C GLY A 82 -35.11 -14.48 7.35
N PHE A 83 -34.28 -13.92 6.47
CA PHE A 83 -33.62 -12.62 6.74
C PHE A 83 -34.66 -11.50 6.56
N GLU A 84 -34.64 -10.52 7.45
CA GLU A 84 -35.25 -9.18 7.25
C GLU A 84 -34.29 -8.39 6.35
N VAL A 85 -34.52 -8.39 5.03
CA VAL A 85 -33.64 -7.71 4.03
C VAL A 85 -33.98 -6.22 4.03
N LYS A 86 -32.98 -5.35 4.08
CA LYS A 86 -33.15 -3.88 3.99
C LYS A 86 -32.18 -3.37 2.91
N CYS A 87 -32.70 -3.01 1.73
CA CYS A 87 -31.90 -2.47 0.60
C CYS A 87 -31.79 -0.94 0.73
N PHE A 88 -30.68 -0.38 0.25
CA PHE A 88 -30.45 1.08 0.18
C PHE A 88 -29.75 1.44 -1.12
N ASN A 89 -30.39 2.25 -1.95
CA ASN A 89 -29.92 2.61 -3.31
C ASN A 89 -29.13 3.93 -3.28
N ASP A 90 -27.87 3.87 -3.69
CA ASP A 90 -27.04 5.05 -4.05
C ASP A 90 -26.93 6.01 -2.86
N LEU A 91 -26.73 5.50 -1.65
CA LEU A 91 -26.54 6.37 -0.44
C LEU A 91 -25.21 7.12 -0.57
N LYS A 92 -25.16 8.34 -0.04
CA LYS A 92 -23.88 9.09 0.13
C LYS A 92 -23.18 8.53 1.37
N ALA A 93 -21.92 8.85 1.56
CA ALA A 93 -21.08 8.27 2.63
C ALA A 93 -21.79 8.49 3.96
N GLU A 94 -22.24 9.71 4.26
CA GLU A 94 -22.88 10.05 5.56
C GLU A 94 -24.09 9.14 5.77
N GLU A 95 -24.98 9.08 4.78
CA GLU A 95 -26.25 8.32 4.90
C GLU A 95 -25.89 6.85 5.19
N LEU A 96 -24.91 6.31 4.46
CA LEU A 96 -24.52 4.88 4.57
C LEU A 96 -23.99 4.61 5.97
N LEU A 97 -23.04 5.42 6.43
CA LEU A 97 -22.44 5.27 7.78
C LEU A 97 -23.54 5.35 8.84
N LEU A 98 -24.49 6.29 8.75
CA LEU A 98 -25.64 6.35 9.69
C LEU A 98 -26.42 5.03 9.62
N LYS A 99 -26.77 4.54 8.44
CA LYS A 99 -27.65 3.35 8.35
C LYS A 99 -26.93 2.15 8.97
N ILE A 100 -25.64 2.00 8.71
CA ILE A 100 -24.91 0.79 9.16
C ILE A 100 -24.62 0.94 10.67
N HIS A 101 -24.32 2.14 11.17
CA HIS A 101 -24.11 2.38 12.62
C HIS A 101 -25.41 2.11 13.40
N GLU A 102 -26.55 2.59 12.90
CA GLU A 102 -27.90 2.29 13.44
C GLU A 102 -27.98 0.76 13.65
N VAL A 103 -27.82 -0.01 12.58
CA VAL A 103 -27.98 -1.48 12.63
C VAL A 103 -27.00 -2.06 13.64
N SER A 104 -25.83 -1.44 13.82
CA SER A 104 -24.78 -1.99 14.71
C SER A 104 -25.21 -1.83 16.19
N THR A 105 -26.00 -0.80 16.50
CA THR A 105 -26.29 -0.38 17.90
C THR A 105 -27.69 -0.83 18.35
N VAL A 106 -28.57 -1.20 17.43
CA VAL A 106 -29.77 -2.02 17.75
C VAL A 106 -29.32 -3.33 18.38
N SER A 107 -30.16 -3.96 19.22
CA SER A 107 -29.93 -5.30 19.81
C SER A 107 -30.18 -6.37 18.75
N HIS A 108 -29.20 -7.26 18.55
CA HIS A 108 -29.32 -8.50 17.74
C HIS A 108 -29.47 -9.72 18.64
N ALA A 109 -29.75 -9.50 19.94
CA ALA A 109 -29.85 -10.55 20.98
C ALA A 109 -30.78 -11.68 20.51
N ASP A 110 -31.88 -11.36 19.80
CA ASP A 110 -32.94 -12.31 19.37
C ASP A 110 -32.67 -12.84 17.95
N ALA A 111 -31.44 -12.77 17.44
CA ALA A 111 -31.13 -13.07 16.03
C ALA A 111 -30.00 -14.09 15.92
N ASP A 112 -30.03 -14.89 14.85
CA ASP A 112 -29.04 -15.95 14.58
C ASP A 112 -27.71 -15.33 14.13
N CYS A 113 -27.78 -14.34 13.24
CA CYS A 113 -26.59 -13.83 12.51
C CYS A 113 -26.88 -12.49 11.85
N PHE A 114 -25.90 -11.96 11.13
CA PHE A 114 -25.98 -10.69 10.38
C PHE A 114 -25.27 -10.84 9.03
N VAL A 115 -25.89 -10.26 8.01
CA VAL A 115 -25.42 -10.27 6.60
C VAL A 115 -25.38 -8.82 6.12
N CYS A 116 -24.30 -8.44 5.46
CA CYS A 116 -24.11 -7.09 4.88
C CYS A 116 -23.51 -7.26 3.50
N VAL A 117 -24.11 -6.64 2.48
CA VAL A 117 -23.72 -6.83 1.06
C VAL A 117 -23.40 -5.48 0.43
N PHE A 118 -22.27 -5.39 -0.27
CA PHE A 118 -21.86 -4.18 -1.03
C PHE A 118 -21.80 -4.53 -2.51
N LEU A 119 -22.64 -3.85 -3.28
CA LEU A 119 -22.67 -3.86 -4.75
C LEU A 119 -22.27 -2.46 -5.21
N SER A 120 -20.99 -2.27 -5.52
CA SER A 120 -20.42 -0.97 -5.94
C SER A 120 -19.08 -1.18 -6.62
N HIS A 121 -18.36 -0.08 -6.84
CA HIS A 121 -16.93 -0.08 -7.19
C HIS A 121 -16.11 -0.06 -5.91
N GLY A 122 -14.87 -0.50 -6.01
CA GLY A 122 -13.91 -0.44 -4.91
C GLY A 122 -12.49 -0.36 -5.41
N GLU A 123 -11.58 -0.15 -4.48
CA GLU A 123 -10.14 -0.01 -4.69
C GLU A 123 -9.52 -0.35 -3.33
N GLY A 124 -8.62 -1.33 -3.30
CA GLY A 124 -7.83 -1.66 -2.11
C GLY A 124 -8.70 -2.06 -0.94
N ASN A 125 -8.68 -1.24 0.12
CA ASN A 125 -9.44 -1.54 1.35
C ASN A 125 -10.67 -0.63 1.40
N HIS A 126 -11.14 -0.15 0.25
CA HIS A 126 -12.24 0.85 0.17
C HIS A 126 -13.39 0.36 -0.70
N ILE A 127 -14.61 0.71 -0.30
CA ILE A 127 -15.84 0.54 -1.10
C ILE A 127 -16.32 1.94 -1.45
N TYR A 128 -16.93 2.11 -2.62
CA TYR A 128 -17.43 3.44 -3.07
C TYR A 128 -18.92 3.58 -2.69
N ALA A 129 -19.21 4.58 -1.86
CA ALA A 129 -20.55 5.20 -1.72
C ALA A 129 -20.80 6.05 -2.97
N TYR A 130 -21.91 6.77 -3.04
CA TYR A 130 -22.25 7.65 -4.18
C TYR A 130 -21.17 8.73 -4.36
N ASP A 131 -20.68 9.31 -3.25
CA ASP A 131 -19.89 10.57 -3.29
C ASP A 131 -18.43 10.34 -2.87
N ALA A 132 -18.09 9.23 -2.22
CA ALA A 132 -16.71 9.00 -1.75
C ALA A 132 -16.52 7.54 -1.35
N LYS A 133 -15.25 7.16 -1.12
CA LYS A 133 -14.85 5.80 -0.74
C LYS A 133 -14.84 5.72 0.78
N ILE A 134 -15.11 4.53 1.30
CA ILE A 134 -15.16 4.25 2.76
C ILE A 134 -14.27 3.05 3.06
N GLU A 135 -13.53 3.15 4.15
CA GLU A 135 -12.60 2.11 4.64
C GLU A 135 -13.45 0.90 5.08
N ILE A 136 -13.34 -0.24 4.38
CA ILE A 136 -14.09 -1.50 4.70
C ILE A 136 -13.90 -1.88 6.17
N GLN A 137 -12.68 -1.78 6.69
CA GLN A 137 -12.33 -2.04 8.11
C GLN A 137 -13.29 -1.26 9.04
N THR A 138 -13.63 0.00 8.77
CA THR A 138 -14.50 0.80 9.69
C THR A 138 -15.95 0.26 9.63
N LEU A 139 -16.38 -0.33 8.52
CA LEU A 139 -17.72 -0.96 8.39
C LEU A 139 -17.77 -2.28 9.16
N THR A 140 -16.79 -3.17 8.96
CA THR A 140 -16.72 -4.47 9.67
C THR A 140 -16.44 -4.22 11.15
N GLY A 141 -15.69 -3.16 11.45
CA GLY A 141 -15.34 -2.73 12.81
C GLY A 141 -16.55 -2.59 13.72
N LEU A 142 -17.69 -2.18 13.18
CA LEU A 142 -18.87 -1.83 14.00
C LEU A 142 -19.50 -3.08 14.58
N PHE A 143 -19.14 -4.27 14.07
CA PHE A 143 -19.71 -5.57 14.51
C PHE A 143 -18.68 -6.44 15.27
N LYS A 144 -17.46 -5.92 15.48
CA LYS A 144 -16.30 -6.63 16.09
C LYS A 144 -16.65 -7.40 17.38
N GLY A 145 -17.79 -7.17 17.98
CA GLY A 145 -18.07 -7.83 19.28
C GLY A 145 -17.50 -6.98 20.41
N ASP A 146 -16.30 -6.41 20.29
CA ASP A 146 -15.87 -5.19 21.03
C ASP A 146 -17.04 -4.19 21.07
N LYS A 147 -17.58 -3.81 19.89
CA LYS A 147 -18.56 -2.71 19.72
C LYS A 147 -20.01 -3.20 19.64
N CYS A 148 -20.25 -4.50 19.51
CA CYS A 148 -21.62 -5.06 19.24
C CYS A 148 -21.83 -6.39 19.99
N HIS A 149 -22.20 -6.29 21.27
CA HIS A 149 -22.26 -7.42 22.24
C HIS A 149 -23.30 -8.44 21.77
N SER A 150 -24.45 -7.99 21.26
CA SER A 150 -25.57 -8.88 20.85
C SER A 150 -25.16 -9.87 19.74
N LEU A 151 -24.02 -9.63 19.05
CA LEU A 151 -23.57 -10.47 17.91
C LEU A 151 -22.29 -11.23 18.25
N VAL A 152 -21.75 -11.05 19.45
CA VAL A 152 -20.62 -11.89 19.95
C VAL A 152 -21.01 -13.35 19.81
N GLY A 153 -20.15 -14.15 19.17
CA GLY A 153 -20.32 -15.60 18.99
C GLY A 153 -21.26 -15.96 17.87
N LYS A 154 -21.86 -14.97 17.19
CA LYS A 154 -22.81 -15.18 16.07
C LYS A 154 -22.14 -14.82 14.75
N PRO A 155 -22.40 -15.56 13.65
CA PRO A 155 -21.80 -15.27 12.36
C PRO A 155 -22.09 -13.85 11.84
N LYS A 156 -21.07 -13.17 11.33
CA LYS A 156 -21.22 -11.86 10.64
C LYS A 156 -20.69 -12.04 9.22
N ILE A 157 -21.59 -12.24 8.25
CA ILE A 157 -21.22 -12.49 6.82
C ILE A 157 -21.22 -11.17 6.07
N PHE A 158 -20.11 -10.81 5.43
CA PHE A 158 -20.02 -9.72 4.43
C PHE A 158 -19.80 -10.31 3.04
N ILE A 159 -20.59 -9.84 2.08
CA ILE A 159 -20.53 -10.24 0.65
C ILE A 159 -20.23 -8.97 -0.16
N ILE A 160 -19.17 -9.00 -0.97
CA ILE A 160 -18.61 -7.80 -1.65
C ILE A 160 -18.44 -8.07 -3.14
N GLN A 161 -19.27 -7.41 -3.95
CA GLN A 161 -19.17 -7.38 -5.41
C GLN A 161 -18.67 -5.98 -5.76
N ALA A 162 -17.35 -5.82 -5.77
CA ALA A 162 -16.66 -4.54 -6.02
C ALA A 162 -15.37 -4.79 -6.83
N ALA A 163 -15.11 -3.88 -7.75
CA ALA A 163 -13.97 -3.93 -8.69
C ALA A 163 -13.74 -2.53 -9.25
N ARG A 164 -12.80 -2.40 -10.18
CA ARG A 164 -12.32 -1.10 -10.73
C ARG A 164 -13.27 -0.63 -11.85
N GLY A 165 -13.75 0.60 -11.75
CA GLY A 165 -14.56 1.22 -12.80
C GLY A 165 -13.76 1.41 -14.08
N ASN A 166 -14.18 0.80 -15.19
CA ASN A 166 -13.62 0.95 -16.57
C ASN A 166 -13.20 2.40 -16.90
N GLN A 167 -14.15 3.33 -17.00
CA GLN A 167 -13.96 4.81 -17.17
C GLN A 167 -13.63 5.10 -18.63
N HIS A 168 -14.25 4.41 -19.59
CA HIS A 168 -14.20 4.76 -21.03
C HIS A 168 -14.86 6.15 -21.19
N THR A 187 -28.06 -5.68 -26.30
CA THR A 187 -29.06 -5.35 -25.24
C THR A 187 -28.53 -5.82 -23.86
N ASN A 188 -28.30 -7.13 -23.68
CA ASN A 188 -27.57 -7.72 -22.51
C ASN A 188 -26.09 -7.92 -22.88
N ILE A 189 -25.27 -6.87 -22.72
CA ILE A 189 -23.79 -6.95 -22.90
C ILE A 189 -23.18 -7.52 -21.60
N THR A 190 -22.04 -8.20 -21.68
CA THR A 190 -21.24 -8.62 -20.49
C THR A 190 -20.06 -7.65 -20.32
N GLU A 191 -20.08 -6.79 -19.29
CA GLU A 191 -18.99 -5.83 -18.94
C GLU A 191 -17.99 -6.51 -18.01
N VAL A 192 -16.72 -6.15 -18.11
CA VAL A 192 -15.59 -6.83 -17.41
C VAL A 192 -14.72 -5.78 -16.69
N ASP A 193 -14.57 -5.93 -15.37
CA ASP A 193 -13.78 -5.03 -14.50
C ASP A 193 -12.62 -5.85 -13.96
N ALA A 194 -11.47 -5.20 -13.77
CA ALA A 194 -10.28 -5.81 -13.12
C ALA A 194 -10.54 -5.89 -11.63
N ALA A 195 -10.18 -7.01 -10.98
CA ALA A 195 -10.22 -7.14 -9.51
C ALA A 195 -9.45 -5.96 -8.91
N SER A 196 -9.99 -5.32 -7.88
CA SER A 196 -9.31 -4.20 -7.19
C SER A 196 -9.39 -4.31 -5.66
N VAL A 197 -10.44 -4.91 -5.10
CA VAL A 197 -10.69 -4.90 -3.64
C VAL A 197 -9.92 -6.06 -2.99
N TYR A 198 -9.12 -5.73 -1.98
CA TYR A 198 -8.33 -6.70 -1.20
C TYR A 198 -9.30 -7.69 -0.57
N THR A 199 -8.90 -8.97 -0.53
CA THR A 199 -9.67 -10.05 0.13
C THR A 199 -9.39 -9.97 1.63
N LEU A 200 -9.82 -8.86 2.25
CA LEU A 200 -9.56 -8.54 3.68
C LEU A 200 -10.19 -9.60 4.57
N PRO A 201 -9.54 -9.95 5.69
CA PRO A 201 -10.19 -10.71 6.74
C PRO A 201 -10.99 -9.71 7.61
N ALA A 202 -11.60 -10.20 8.67
CA ALA A 202 -12.09 -9.34 9.78
C ALA A 202 -11.76 -10.08 11.07
N GLY A 203 -12.66 -10.04 12.06
CA GLY A 203 -12.44 -10.60 13.41
C GLY A 203 -13.09 -11.97 13.59
N ALA A 204 -13.11 -12.47 14.81
CA ALA A 204 -13.69 -13.79 15.11
C ALA A 204 -15.14 -13.83 14.61
N ASP A 205 -15.50 -14.91 13.95
CA ASP A 205 -16.87 -15.29 13.55
C ASP A 205 -17.33 -14.41 12.40
N PHE A 206 -16.40 -13.77 11.69
CA PHE A 206 -16.67 -13.09 10.40
C PHE A 206 -16.45 -14.07 9.23
N LEU A 207 -17.26 -13.93 8.18
CA LEU A 207 -17.02 -14.58 6.88
C LEU A 207 -17.06 -13.49 5.80
N MET A 208 -15.90 -13.15 5.23
CA MET A 208 -15.75 -12.14 4.14
C MET A 208 -15.78 -12.87 2.81
N CYS A 209 -16.69 -12.49 1.92
CA CYS A 209 -16.99 -13.17 0.63
C CYS A 209 -16.75 -12.20 -0.51
N TYR A 210 -15.94 -12.60 -1.50
CA TYR A 210 -15.42 -11.68 -2.55
C TYR A 210 -15.73 -12.24 -3.94
N SER A 211 -16.30 -11.38 -4.80
CA SER A 211 -16.64 -11.66 -6.22
C SER A 211 -15.45 -12.23 -6.99
N VAL A 212 -14.24 -11.78 -6.67
CA VAL A 212 -13.04 -11.97 -7.53
C VAL A 212 -11.78 -11.82 -6.67
N ALA A 213 -10.72 -12.55 -7.00
CA ALA A 213 -9.41 -12.51 -6.33
C ALA A 213 -8.45 -11.64 -7.14
N GLU A 214 -7.34 -11.24 -6.52
CA GLU A 214 -6.22 -10.50 -7.16
C GLU A 214 -5.79 -11.24 -8.43
N GLY A 215 -5.48 -10.50 -9.49
CA GLY A 215 -5.06 -11.08 -10.77
C GLY A 215 -6.21 -11.34 -11.72
N TYR A 216 -7.40 -11.66 -11.19
CA TYR A 216 -8.56 -12.11 -12.01
C TYR A 216 -9.49 -10.92 -12.31
N TYR A 217 -10.66 -11.25 -12.89
CA TYR A 217 -11.59 -10.26 -13.49
C TYR A 217 -13.04 -10.59 -13.08
N SER A 218 -13.79 -9.53 -12.76
CA SER A 218 -15.22 -9.60 -12.38
C SER A 218 -16.09 -9.31 -13.61
N HIS A 219 -17.13 -10.10 -13.82
CA HIS A 219 -18.07 -10.00 -14.97
C HIS A 219 -19.46 -9.57 -14.51
N ARG A 220 -20.10 -8.66 -15.23
CA ARG A 220 -21.51 -8.24 -14.99
C ARG A 220 -22.27 -8.18 -16.33
N GLU A 221 -23.25 -9.07 -16.50
CA GLU A 221 -24.27 -9.02 -17.59
C GLU A 221 -25.16 -7.80 -17.23
N THR A 222 -25.53 -6.95 -18.18
CA THR A 222 -26.21 -5.65 -17.90
C THR A 222 -27.71 -5.85 -17.62
N VAL A 223 -28.24 -7.06 -17.76
CA VAL A 223 -29.66 -7.40 -17.46
C VAL A 223 -29.66 -8.47 -16.37
N ASN A 224 -28.86 -9.52 -16.54
CA ASN A 224 -28.83 -10.71 -15.66
C ASN A 224 -28.02 -10.47 -14.38
N GLY A 225 -27.02 -9.57 -14.45
CA GLY A 225 -26.21 -9.15 -13.29
C GLY A 225 -24.84 -9.84 -13.19
N SER A 226 -24.12 -9.55 -12.12
CA SER A 226 -22.77 -10.08 -11.83
C SER A 226 -22.77 -11.62 -11.89
N TRP A 227 -21.76 -12.22 -12.51
CA TRP A 227 -21.55 -13.70 -12.54
C TRP A 227 -21.55 -14.23 -11.11
N TYR A 228 -20.75 -13.62 -10.22
CA TYR A 228 -20.64 -14.01 -8.79
C TYR A 228 -22.03 -14.16 -8.19
N ILE A 229 -22.84 -13.11 -8.30
CA ILE A 229 -24.14 -13.00 -7.59
C ILE A 229 -25.14 -13.96 -8.24
N GLN A 230 -25.10 -14.08 -9.56
CA GLN A 230 -25.99 -15.03 -10.27
C GLN A 230 -25.77 -16.40 -9.64
N ASP A 231 -24.52 -16.86 -9.61
CA ASP A 231 -24.19 -18.23 -9.17
C ASP A 231 -24.42 -18.36 -7.66
N LEU A 232 -24.10 -17.32 -6.89
CA LEU A 232 -24.39 -17.32 -5.44
C LEU A 232 -25.88 -17.57 -5.23
N CYS A 233 -26.72 -16.75 -5.90
CA CYS A 233 -28.20 -16.78 -5.73
C CYS A 233 -28.74 -18.13 -6.22
N GLU A 234 -28.26 -18.65 -7.35
CA GLU A 234 -28.67 -19.99 -7.85
C GLU A 234 -28.40 -21.02 -6.76
N MET A 235 -27.20 -21.02 -6.20
CA MET A 235 -26.80 -22.03 -5.17
C MET A 235 -27.63 -21.81 -3.90
N LEU A 236 -27.88 -20.56 -3.51
CA LEU A 236 -28.78 -20.27 -2.38
C LEU A 236 -30.16 -20.87 -2.64
N GLY A 237 -30.71 -20.64 -3.83
CA GLY A 237 -31.99 -21.24 -4.29
C GLY A 237 -32.01 -22.76 -4.08
N LYS A 238 -31.03 -23.48 -4.62
CA LYS A 238 -31.01 -24.96 -4.59
C LYS A 238 -30.65 -25.47 -3.19
N TYR A 239 -29.63 -24.90 -2.53
CA TYR A 239 -29.00 -25.54 -1.35
C TYR A 239 -28.93 -24.64 -0.12
N GLY A 240 -29.38 -23.38 -0.18
CA GLY A 240 -29.28 -22.42 0.95
C GLY A 240 -29.61 -23.05 2.30
N SER A 241 -30.70 -23.80 2.34
CA SER A 241 -31.34 -24.28 3.60
C SER A 241 -30.84 -25.67 3.98
N SER A 242 -30.13 -26.39 3.09
CA SER A 242 -29.56 -27.73 3.39
C SER A 242 -28.06 -27.62 3.76
N LEU A 243 -27.25 -27.02 2.89
CA LEU A 243 -25.76 -27.11 2.93
C LEU A 243 -25.17 -26.13 3.93
N GLU A 244 -24.01 -26.49 4.48
CA GLU A 244 -23.16 -25.58 5.29
C GLU A 244 -22.69 -24.44 4.37
N PHE A 245 -22.70 -23.21 4.86
CA PHE A 245 -22.62 -22.01 4.00
C PHE A 245 -21.27 -22.00 3.25
N THR A 246 -20.16 -22.37 3.87
CA THR A 246 -18.83 -22.38 3.19
C THR A 246 -18.81 -23.49 2.13
N GLU A 247 -19.50 -24.63 2.33
CA GLU A 247 -19.63 -25.70 1.29
C GLU A 247 -20.25 -25.08 0.02
N LEU A 248 -21.29 -24.27 0.23
CA LEU A 248 -22.06 -23.61 -0.85
C LEU A 248 -21.15 -22.60 -1.56
N LEU A 249 -20.46 -21.76 -0.79
CA LEU A 249 -19.52 -20.73 -1.34
C LEU A 249 -18.46 -21.43 -2.19
N THR A 250 -18.09 -22.65 -1.82
CA THR A 250 -17.14 -23.51 -2.57
C THR A 250 -17.77 -23.91 -3.89
N LEU A 251 -19.03 -24.32 -3.88
CA LEU A 251 -19.81 -24.58 -5.13
C LEU A 251 -19.76 -23.33 -6.02
N VAL A 252 -19.98 -22.15 -5.44
CA VAL A 252 -19.98 -20.87 -6.20
C VAL A 252 -18.60 -20.66 -6.83
N ASN A 253 -17.53 -20.99 -6.10
CA ASN A 253 -16.14 -20.92 -6.63
C ASN A 253 -16.06 -21.82 -7.87
N ARG A 254 -16.53 -23.06 -7.78
CA ARG A 254 -16.50 -23.99 -8.94
C ARG A 254 -17.31 -23.35 -10.08
N LYS A 255 -18.55 -22.93 -9.83
CA LYS A 255 -19.47 -22.49 -10.91
C LYS A 255 -18.83 -21.32 -11.66
N VAL A 256 -18.26 -20.35 -10.94
CA VAL A 256 -17.73 -19.10 -11.54
C VAL A 256 -16.40 -19.39 -12.24
N SER A 257 -15.56 -20.25 -11.65
CA SER A 257 -14.23 -20.59 -12.23
C SER A 257 -14.48 -21.35 -13.55
N GLN A 258 -15.50 -22.19 -13.60
CA GLN A 258 -15.84 -23.01 -14.79
C GLN A 258 -16.51 -22.19 -15.91
N ARG A 259 -16.96 -20.96 -15.66
CA ARG A 259 -17.51 -20.11 -16.77
C ARG A 259 -16.42 -19.88 -17.81
N ARG A 260 -16.78 -20.14 -19.07
CA ARG A 260 -15.87 -20.12 -20.24
C ARG A 260 -15.70 -18.67 -20.72
N VAL A 261 -14.47 -18.34 -21.10
CA VAL A 261 -14.06 -16.96 -21.51
C VAL A 261 -13.10 -17.05 -22.71
N ASP A 262 -13.36 -17.99 -23.64
CA ASP A 262 -12.51 -18.25 -24.84
C ASP A 262 -13.18 -17.66 -26.11
N PHE A 263 -14.48 -17.90 -26.34
CA PHE A 263 -15.25 -17.37 -27.49
C PHE A 263 -16.18 -16.25 -26.97
N CYS A 264 -15.76 -14.98 -27.11
CA CYS A 264 -16.38 -13.77 -26.49
C CYS A 264 -16.77 -12.73 -27.55
N LYS A 265 -17.96 -12.14 -27.43
CA LYS A 265 -18.48 -11.03 -28.28
C LYS A 265 -17.37 -10.02 -28.52
N ASP A 266 -16.79 -9.50 -27.43
CA ASP A 266 -15.64 -8.56 -27.38
C ASP A 266 -14.36 -9.39 -27.51
N PRO A 267 -13.43 -9.05 -28.45
CA PRO A 267 -12.13 -9.75 -28.54
C PRO A 267 -11.26 -9.68 -27.26
N SER A 268 -11.27 -8.54 -26.56
CA SER A 268 -10.33 -8.21 -25.45
C SER A 268 -10.88 -8.70 -24.10
N ALA A 269 -12.06 -9.29 -24.07
CA ALA A 269 -12.64 -9.94 -22.87
C ALA A 269 -12.20 -11.42 -22.82
N ILE A 270 -11.41 -11.88 -23.81
CA ILE A 270 -10.97 -13.29 -23.95
C ILE A 270 -9.83 -13.59 -22.96
N GLY A 271 -9.88 -14.74 -22.29
CA GLY A 271 -8.84 -15.23 -21.35
C GLY A 271 -8.83 -14.47 -20.04
N LYS A 272 -9.92 -13.79 -19.71
CA LYS A 272 -10.09 -13.01 -18.46
C LYS A 272 -10.95 -13.84 -17.49
N LYS A 273 -10.33 -14.81 -16.82
CA LYS A 273 -11.05 -15.76 -15.94
C LYS A 273 -11.53 -15.04 -14.68
N GLN A 274 -12.56 -15.59 -14.04
CA GLN A 274 -13.04 -15.09 -12.74
C GLN A 274 -12.88 -16.21 -11.72
N VAL A 275 -12.16 -15.90 -10.64
CA VAL A 275 -12.00 -16.80 -9.47
C VAL A 275 -12.40 -16.01 -8.22
N PRO A 276 -13.56 -16.29 -7.61
CA PRO A 276 -13.91 -15.66 -6.34
C PRO A 276 -13.21 -16.42 -5.20
N CYS A 277 -13.14 -15.80 -4.03
CA CYS A 277 -12.73 -16.46 -2.78
C CYS A 277 -13.63 -16.05 -1.62
N PHE A 278 -13.41 -16.71 -0.47
CA PHE A 278 -13.90 -16.27 0.85
C PHE A 278 -12.81 -16.45 1.89
N ALA A 279 -12.76 -15.52 2.83
CA ALA A 279 -11.90 -15.52 4.02
C ALA A 279 -12.78 -15.88 5.22
N SER A 280 -12.63 -17.09 5.79
CA SER A 280 -13.40 -17.59 6.96
C SER A 280 -12.59 -17.33 8.22
N MET A 281 -13.19 -16.64 9.17
CA MET A 281 -12.76 -16.52 10.57
C MET A 281 -13.82 -17.23 11.41
N LEU A 282 -14.67 -18.03 10.78
CA LEU A 282 -15.74 -18.77 11.47
C LEU A 282 -15.10 -19.85 12.36
N THR A 283 -15.82 -20.28 13.37
CA THR A 283 -15.32 -21.17 14.42
C THR A 283 -16.22 -22.40 14.54
N LYS A 284 -17.32 -22.44 13.77
CA LYS A 284 -18.33 -23.52 13.83
C LYS A 284 -18.95 -23.69 12.46
N LYS A 285 -19.63 -24.81 12.23
CA LYS A 285 -20.40 -25.05 10.98
C LYS A 285 -21.56 -24.06 10.96
N LEU A 286 -21.90 -23.52 9.79
CA LEU A 286 -22.98 -22.52 9.61
C LEU A 286 -24.05 -23.09 8.68
N HIS A 287 -25.27 -23.26 9.17
CA HIS A 287 -26.45 -23.75 8.40
C HIS A 287 -27.58 -22.74 8.52
N PHE A 288 -28.40 -22.63 7.46
CA PHE A 288 -29.62 -21.78 7.43
C PHE A 288 -30.84 -22.69 7.28
N PHE A 289 -30.97 -23.67 8.19
CA PHE A 289 -32.10 -24.63 8.20
C PHE A 289 -33.40 -23.84 8.34
N PRO A 290 -34.50 -24.29 7.69
CA PRO A 290 -35.76 -23.57 7.77
C PRO A 290 -36.13 -23.32 9.23
N LYS A 291 -36.51 -22.10 9.61
CA LYS A 291 -36.97 -21.82 11.01
C LYS A 291 -38.45 -22.24 11.12
N SER A 292 -38.84 -22.91 12.20
CA SER A 292 -40.08 -23.71 12.27
C SER A 292 -41.28 -22.77 12.51
N ASN A 293 -42.06 -22.55 11.45
CA ASN A 293 -43.21 -21.60 11.37
C ASN A 293 -44.51 -22.41 11.21
N MET B 30 -24.89 -33.41 -14.86
CA MET B 30 -24.81 -34.21 -13.60
C MET B 30 -23.93 -33.46 -12.57
N PHE B 31 -24.24 -32.18 -12.29
CA PHE B 31 -23.55 -31.30 -11.31
C PHE B 31 -23.86 -31.73 -9.85
N ASP B 32 -22.87 -31.70 -8.94
CA ASP B 32 -22.91 -32.47 -7.66
C ASP B 32 -22.40 -31.64 -6.48
N PRO B 33 -23.26 -31.23 -5.52
CA PRO B 33 -22.82 -30.45 -4.37
C PRO B 33 -21.82 -31.10 -3.38
N ALA B 34 -21.63 -32.42 -3.42
CA ALA B 34 -20.79 -33.16 -2.44
C ALA B 34 -19.53 -33.70 -3.14
N GLU B 35 -19.26 -33.20 -4.34
CA GLU B 35 -18.09 -33.57 -5.17
C GLU B 35 -16.80 -33.25 -4.39
N LYS B 36 -15.90 -34.24 -4.37
CA LYS B 36 -14.58 -34.20 -3.69
C LYS B 36 -13.47 -34.06 -4.73
N TYR B 37 -12.35 -33.44 -4.36
CA TYR B 37 -11.10 -33.52 -5.14
C TYR B 37 -10.77 -35.02 -5.24
N LYS B 38 -10.26 -35.46 -6.39
CA LYS B 38 -9.83 -36.88 -6.57
C LYS B 38 -8.51 -37.05 -5.82
N MET B 39 -8.49 -37.92 -4.81
CA MET B 39 -7.37 -38.05 -3.86
C MET B 39 -6.88 -39.50 -3.82
N ASP B 40 -6.89 -40.15 -4.99
CA ASP B 40 -6.58 -41.60 -5.21
C ASP B 40 -5.45 -41.72 -6.25
N HIS B 41 -4.58 -40.70 -6.41
CA HIS B 41 -3.35 -40.79 -7.23
C HIS B 41 -2.33 -41.70 -6.51
N ARG B 42 -1.24 -42.07 -7.17
CA ARG B 42 -0.26 -43.04 -6.59
C ARG B 42 0.34 -42.46 -5.30
N ARG B 43 0.83 -41.22 -5.32
CA ARG B 43 1.39 -40.49 -4.13
C ARG B 43 0.45 -39.36 -3.70
N ARG B 44 0.44 -39.01 -2.41
CA ARG B 44 -0.30 -37.83 -1.85
C ARG B 44 0.27 -36.54 -2.45
N GLY B 45 1.60 -36.39 -2.42
CA GLY B 45 2.35 -35.27 -3.02
C GLY B 45 3.37 -34.66 -2.07
N ILE B 46 3.97 -33.53 -2.44
CA ILE B 46 5.05 -32.90 -1.63
C ILE B 46 4.44 -31.91 -0.62
N ALA B 47 5.03 -31.85 0.57
CA ALA B 47 4.91 -30.74 1.54
C ALA B 47 6.27 -30.06 1.67
N LEU B 48 6.44 -28.87 1.10
CA LEU B 48 7.60 -27.99 1.38
C LEU B 48 7.40 -27.31 2.75
N ILE B 49 8.44 -27.28 3.57
CA ILE B 49 8.48 -26.47 4.82
C ILE B 49 9.75 -25.62 4.83
N PHE B 50 9.59 -24.33 4.56
CA PHE B 50 10.67 -23.32 4.72
C PHE B 50 10.63 -22.80 6.16
N ASN B 51 11.68 -23.09 6.92
CA ASN B 51 11.75 -22.82 8.37
C ASN B 51 12.86 -21.82 8.66
N HIS B 52 12.51 -20.63 9.14
CA HIS B 52 13.43 -19.51 9.43
C HIS B 52 13.45 -19.19 10.93
N GLU B 53 14.63 -19.34 11.54
CA GLU B 53 14.90 -19.14 12.99
C GLU B 53 15.72 -17.86 13.20
N ARG B 54 16.70 -17.64 12.33
CA ARG B 54 17.70 -16.55 12.42
C ARG B 54 17.73 -15.84 11.08
N PHE B 55 18.24 -14.61 11.08
CA PHE B 55 18.30 -13.73 9.88
C PHE B 55 19.63 -13.01 9.83
N PHE B 56 20.07 -12.66 8.62
CA PHE B 56 21.20 -11.73 8.35
C PHE B 56 21.18 -10.61 9.40
N TRP B 57 22.34 -10.29 9.98
CA TRP B 57 22.42 -9.29 11.09
C TRP B 57 21.72 -8.00 10.64
N HIS B 58 22.01 -7.52 9.42
CA HIS B 58 21.70 -6.15 8.93
C HIS B 58 20.22 -6.01 8.53
N LEU B 59 19.40 -7.03 8.81
CA LEU B 59 17.91 -6.96 8.73
C LEU B 59 17.31 -6.59 10.09
N THR B 60 18.02 -6.87 11.19
CA THR B 60 17.59 -6.52 12.58
C THR B 60 16.20 -7.13 12.81
N LEU B 61 16.11 -8.45 12.63
CA LEU B 61 14.91 -9.26 12.92
C LEU B 61 15.29 -10.27 13.99
N PRO B 62 14.45 -10.46 15.02
CA PRO B 62 14.77 -11.39 16.10
C PRO B 62 14.68 -12.88 15.74
N GLU B 63 15.54 -13.69 16.39
CA GLU B 63 15.42 -15.16 16.44
C GLU B 63 13.96 -15.53 16.69
N ARG B 64 13.48 -16.60 16.06
CA ARG B 64 12.11 -17.10 16.31
C ARG B 64 12.22 -18.39 17.11
N ARG B 65 12.66 -18.31 18.37
CA ARG B 65 12.87 -19.50 19.23
C ARG B 65 11.53 -20.23 19.35
N GLY B 66 11.47 -21.49 18.91
CA GLY B 66 10.26 -22.32 18.95
C GLY B 66 9.86 -22.77 17.55
N THR B 67 10.41 -22.14 16.51
CA THR B 67 10.02 -22.41 15.11
C THR B 67 10.37 -23.85 14.76
N CYS B 68 11.38 -24.44 15.43
CA CYS B 68 11.81 -25.83 15.17
C CYS B 68 10.69 -26.77 15.63
N ALA B 69 10.05 -26.47 16.75
CA ALA B 69 8.90 -27.26 17.25
C ALA B 69 7.80 -27.28 16.19
N ASP B 70 7.57 -26.14 15.55
CA ASP B 70 6.55 -25.98 14.47
C ASP B 70 6.96 -26.89 13.30
N ARG B 71 8.21 -26.75 12.85
CA ARG B 71 8.76 -27.49 11.68
C ARG B 71 8.59 -28.98 11.92
N ASP B 72 8.93 -29.46 13.13
CA ASP B 72 8.97 -30.91 13.46
C ASP B 72 7.54 -31.42 13.58
N ASN B 73 6.70 -30.72 14.35
CA ASN B 73 5.27 -31.07 14.56
C ASN B 73 4.56 -31.14 13.20
N LEU B 74 4.79 -30.17 12.31
CA LEU B 74 4.21 -30.20 10.94
C LEU B 74 4.77 -31.43 10.20
N THR B 75 6.09 -31.59 10.18
CA THR B 75 6.76 -32.68 9.42
C THR B 75 6.11 -33.99 9.80
N ARG B 76 5.88 -34.22 11.09
CA ARG B 76 5.29 -35.49 11.56
C ARG B 76 3.88 -35.60 10.99
N ARG B 77 3.03 -34.60 11.22
CA ARG B 77 1.58 -34.73 10.96
C ARG B 77 1.34 -34.90 9.46
N PHE B 78 2.11 -34.19 8.64
CA PHE B 78 1.97 -34.22 7.17
C PHE B 78 2.52 -35.54 6.64
N SER B 79 3.58 -36.08 7.24
CA SER B 79 4.12 -37.43 6.91
C SER B 79 3.03 -38.47 7.13
N ASP B 80 2.35 -38.45 8.28
CA ASP B 80 1.32 -39.47 8.61
C ASP B 80 0.18 -39.42 7.58
N LEU B 81 0.02 -38.32 6.86
CA LEU B 81 -1.09 -38.17 5.86
C LEU B 81 -0.59 -38.59 4.47
N GLY B 82 0.67 -39.00 4.34
CA GLY B 82 1.22 -39.58 3.11
C GLY B 82 2.04 -38.57 2.32
N PHE B 83 2.29 -37.39 2.88
CA PHE B 83 3.09 -36.35 2.19
C PHE B 83 4.56 -36.76 2.23
N GLU B 84 5.28 -36.56 1.13
CA GLU B 84 6.75 -36.50 1.07
C GLU B 84 7.15 -35.11 1.59
N VAL B 85 7.46 -34.98 2.89
CA VAL B 85 7.82 -33.68 3.53
C VAL B 85 9.28 -33.38 3.21
N LYS B 86 9.59 -32.16 2.77
CA LYS B 86 10.97 -31.70 2.53
C LYS B 86 11.15 -30.37 3.28
N CYS B 87 11.89 -30.37 4.39
CA CYS B 87 12.18 -29.15 5.20
C CYS B 87 13.45 -28.48 4.66
N PHE B 88 13.54 -27.15 4.80
CA PHE B 88 14.72 -26.34 4.44
C PHE B 88 14.93 -25.24 5.48
N ASN B 89 16.08 -25.27 6.16
CA ASN B 89 16.37 -24.36 7.30
C ASN B 89 17.18 -23.15 6.80
N ASP B 90 16.62 -21.95 7.00
CA ASP B 90 17.34 -20.66 6.93
C ASP B 90 17.94 -20.47 5.53
N LEU B 91 17.20 -20.81 4.47
CA LEU B 91 17.68 -20.60 3.07
C LEU B 91 17.77 -19.10 2.79
N LYS B 92 18.74 -18.69 1.97
CA LYS B 92 18.79 -17.32 1.40
C LYS B 92 17.79 -17.25 0.26
N ALA B 93 17.48 -16.04 -0.20
CA ALA B 93 16.42 -15.81 -1.21
C ALA B 93 16.70 -16.70 -2.42
N GLU B 94 17.93 -16.67 -2.93
CA GLU B 94 18.30 -17.42 -4.16
C GLU B 94 18.02 -18.90 -3.93
N GLU B 95 18.53 -19.45 -2.83
CA GLU B 95 18.41 -20.90 -2.55
C GLU B 95 16.92 -21.27 -2.52
N LEU B 96 16.11 -20.45 -1.84
CA LEU B 96 14.67 -20.70 -1.63
C LEU B 96 13.97 -20.71 -3.00
N LEU B 97 14.18 -19.66 -3.79
CA LEU B 97 13.56 -19.54 -5.13
C LEU B 97 13.96 -20.75 -5.99
N LEU B 98 15.23 -21.18 -5.98
CA LEU B 98 15.65 -22.41 -6.73
C LEU B 98 14.86 -23.61 -6.20
N LYS B 99 14.79 -23.81 -4.89
CA LYS B 99 14.15 -25.05 -4.38
C LYS B 99 12.66 -25.05 -4.76
N ILE B 100 11.99 -23.92 -4.67
CA ILE B 100 10.52 -23.87 -4.93
C ILE B 100 10.29 -23.95 -6.44
N HIS B 101 11.13 -23.33 -7.27
CA HIS B 101 11.02 -23.42 -8.74
C HIS B 101 11.24 -24.87 -9.21
N GLU B 102 12.26 -25.55 -8.67
CA GLU B 102 12.50 -27.00 -8.90
C GLU B 102 11.17 -27.74 -8.70
N VAL B 103 10.59 -27.63 -7.52
CA VAL B 103 9.37 -28.39 -7.15
C VAL B 103 8.25 -28.01 -8.13
N SER B 104 8.23 -26.79 -8.64
CA SER B 104 7.14 -26.31 -9.53
C SER B 104 7.24 -26.99 -10.90
N THR B 105 8.44 -27.36 -11.34
CA THR B 105 8.72 -27.79 -12.73
C THR B 105 8.88 -29.32 -12.83
N VAL B 106 9.09 -30.00 -11.71
CA VAL B 106 8.88 -31.47 -11.63
C VAL B 106 7.41 -31.77 -11.97
N SER B 107 7.12 -32.98 -12.46
CA SER B 107 5.73 -33.47 -12.72
C SER B 107 5.07 -33.83 -11.40
N HIS B 108 3.88 -33.29 -11.15
CA HIS B 108 2.98 -33.70 -10.04
C HIS B 108 1.83 -34.57 -10.57
N ALA B 109 1.95 -35.05 -11.80
CA ALA B 109 0.90 -35.83 -12.52
C ALA B 109 0.39 -36.98 -11.64
N ASP B 110 1.28 -37.63 -10.88
CA ASP B 110 0.97 -38.85 -10.07
C ASP B 110 0.63 -38.48 -8.62
N ALA B 111 0.22 -37.24 -8.34
CA ALA B 111 0.06 -36.74 -6.95
C ALA B 111 -1.33 -36.12 -6.77
N ASP B 112 -1.84 -36.21 -5.54
CA ASP B 112 -3.16 -35.69 -5.15
C ASP B 112 -3.14 -34.16 -5.11
N CYS B 113 -2.10 -33.58 -4.51
CA CYS B 113 -2.07 -32.16 -4.12
C CYS B 113 -0.67 -31.70 -3.78
N PHE B 114 -0.54 -30.44 -3.37
CA PHE B 114 0.73 -29.78 -2.98
C PHE B 114 0.50 -28.91 -1.76
N VAL B 115 1.45 -28.95 -0.84
CA VAL B 115 1.45 -28.16 0.43
C VAL B 115 2.78 -27.41 0.50
N CYS B 116 2.74 -26.15 0.87
CA CYS B 116 3.93 -25.29 1.04
C CYS B 116 3.73 -24.49 2.31
N VAL B 117 4.71 -24.51 3.22
CA VAL B 117 4.59 -23.87 4.55
C VAL B 117 5.73 -22.88 4.76
N PHE B 118 5.42 -21.68 5.21
CA PHE B 118 6.41 -20.64 5.57
C PHE B 118 6.31 -20.35 7.06
N LEU B 119 7.41 -20.62 7.75
CA LEU B 119 7.66 -20.26 9.17
C LEU B 119 8.78 -19.23 9.18
N SER B 120 8.40 -17.95 9.23
CA SER B 120 9.36 -16.82 9.20
C SER B 120 8.67 -15.54 9.69
N HIS B 121 9.35 -14.42 9.52
CA HIS B 121 8.75 -13.08 9.63
C HIS B 121 8.21 -12.68 8.26
N GLY B 122 7.27 -11.73 8.28
CA GLY B 122 6.72 -11.15 7.05
C GLY B 122 6.25 -9.73 7.28
N GLU B 123 5.88 -9.10 6.19
CA GLU B 123 5.36 -7.72 6.13
C GLU B 123 4.57 -7.69 4.82
N GLY B 124 3.30 -7.29 4.90
CA GLY B 124 2.46 -7.03 3.73
C GLY B 124 2.32 -8.26 2.85
N ASN B 125 2.85 -8.19 1.63
CA ASN B 125 2.73 -9.30 0.66
C ASN B 125 4.08 -10.02 0.58
N HIS B 126 4.91 -9.94 1.62
CA HIS B 126 6.29 -10.47 1.62
C HIS B 126 6.52 -11.46 2.76
N ILE B 127 7.31 -12.49 2.47
CA ILE B 127 7.85 -13.43 3.48
C ILE B 127 9.35 -13.19 3.54
N TYR B 128 9.96 -13.35 4.71
CA TYR B 128 11.42 -13.13 4.89
C TYR B 128 12.16 -14.46 4.72
N ALA B 129 13.05 -14.52 3.73
CA ALA B 129 14.17 -15.47 3.64
C ALA B 129 15.22 -15.04 4.66
N TYR B 130 16.37 -15.71 4.72
CA TYR B 130 17.48 -15.35 5.64
C TYR B 130 17.96 -13.92 5.34
N ASP B 131 18.08 -13.55 4.07
CA ASP B 131 18.83 -12.33 3.65
C ASP B 131 17.89 -11.25 3.09
N ALA B 132 16.66 -11.57 2.68
CA ALA B 132 15.76 -10.57 2.08
C ALA B 132 14.32 -11.09 2.04
N LYS B 133 13.39 -10.18 1.71
CA LYS B 133 11.95 -10.50 1.62
C LYS B 133 11.63 -10.90 0.19
N ILE B 134 10.64 -11.78 0.04
CA ILE B 134 10.18 -12.31 -1.26
C ILE B 134 8.67 -12.10 -1.38
N GLU B 135 8.25 -11.67 -2.56
CA GLU B 135 6.83 -11.41 -2.91
C GLU B 135 6.10 -12.76 -2.90
N ILE B 136 5.16 -12.96 -1.96
CA ILE B 136 4.35 -14.20 -1.82
C ILE B 136 3.69 -14.57 -3.16
N GLN B 137 3.14 -13.58 -3.88
CA GLN B 137 2.54 -13.75 -5.22
C GLN B 137 3.50 -14.52 -6.14
N THR B 138 4.80 -14.22 -6.16
CA THR B 138 5.75 -14.90 -7.10
C THR B 138 5.93 -16.38 -6.69
N LEU B 139 5.80 -16.71 -5.40
CA LEU B 139 5.88 -18.10 -4.92
C LEU B 139 4.61 -18.88 -5.30
N THR B 140 3.42 -18.33 -5.03
CA THR B 140 2.14 -18.99 -5.37
C THR B 140 1.99 -19.01 -6.90
N GLY B 141 2.52 -18.00 -7.57
CA GLY B 141 2.51 -17.86 -9.04
C GLY B 141 3.03 -19.11 -9.75
N LEU B 142 4.01 -19.80 -9.17
CA LEU B 142 4.72 -20.89 -9.86
C LEU B 142 3.82 -22.12 -9.98
N PHE B 143 2.71 -22.16 -9.23
CA PHE B 143 1.77 -23.32 -9.22
C PHE B 143 0.41 -22.97 -9.87
N LYS B 144 0.24 -21.73 -10.39
CA LYS B 144 -0.96 -21.31 -11.15
C LYS B 144 -1.09 -22.26 -12.32
N GLY B 145 -2.31 -22.69 -12.69
CA GLY B 145 -2.54 -23.59 -13.83
C GLY B 145 -1.64 -23.27 -15.02
N ASP B 146 -1.54 -21.98 -15.37
CA ASP B 146 -0.67 -21.44 -16.46
C ASP B 146 0.68 -22.17 -16.44
N LYS B 147 1.38 -22.14 -15.30
CA LYS B 147 2.85 -22.45 -15.18
C LYS B 147 3.11 -23.88 -14.70
N CYS B 148 2.11 -24.61 -14.20
CA CYS B 148 2.29 -25.96 -13.59
C CYS B 148 1.09 -26.86 -13.92
N HIS B 149 1.12 -27.48 -15.11
CA HIS B 149 0.00 -28.23 -15.74
C HIS B 149 -0.35 -29.43 -14.86
N SER B 150 0.65 -30.13 -14.30
CA SER B 150 0.45 -31.37 -13.51
C SER B 150 -0.42 -31.12 -12.26
N LEU B 151 -0.60 -29.85 -11.85
CA LEU B 151 -1.36 -29.51 -10.62
C LEU B 151 -2.67 -28.78 -10.94
N VAL B 152 -2.96 -28.54 -12.22
CA VAL B 152 -4.29 -28.01 -12.65
C VAL B 152 -5.37 -28.93 -12.08
N GLY B 153 -6.35 -28.34 -11.39
CA GLY B 153 -7.53 -29.04 -10.84
C GLY B 153 -7.23 -29.72 -9.52
N LYS B 154 -5.98 -29.65 -9.04
CA LYS B 154 -5.56 -30.30 -7.76
C LYS B 154 -5.32 -29.23 -6.71
N PRO B 155 -5.67 -29.49 -5.43
CA PRO B 155 -5.48 -28.50 -4.36
C PRO B 155 -4.03 -28.04 -4.19
N LYS B 156 -3.81 -26.75 -4.02
CA LYS B 156 -2.48 -26.17 -3.68
C LYS B 156 -2.66 -25.42 -2.36
N ILE B 157 -2.27 -26.04 -1.24
CA ILE B 157 -2.42 -25.45 0.12
C ILE B 157 -1.13 -24.72 0.50
N PHE B 158 -1.22 -23.43 0.83
CA PHE B 158 -0.15 -22.65 1.49
C PHE B 158 -0.54 -22.34 2.94
N ILE B 159 0.37 -22.59 3.85
CA ILE B 159 0.22 -22.32 5.31
C ILE B 159 1.33 -21.34 5.71
N ILE B 160 0.95 -20.22 6.33
CA ILE B 160 1.87 -19.08 6.57
C ILE B 160 1.79 -18.67 8.05
N GLN B 161 2.87 -18.92 8.78
CA GLN B 161 3.08 -18.45 10.15
C GLN B 161 4.15 -17.34 10.04
N ALA B 162 3.68 -16.13 9.80
CA ALA B 162 4.53 -14.93 9.60
C ALA B 162 3.88 -13.71 10.23
N ALA B 163 4.70 -12.87 10.84
CA ALA B 163 4.28 -11.66 11.56
C ALA B 163 5.49 -10.73 11.69
N ARG B 164 5.33 -9.60 12.39
CA ARG B 164 6.33 -8.51 12.48
C ARG B 164 7.36 -8.86 13.56
N GLY B 165 8.65 -8.80 13.23
CA GLY B 165 9.72 -9.04 14.20
C GLY B 165 9.70 -8.01 15.31
N ASN B 166 9.38 -8.43 16.55
CA ASN B 166 9.18 -7.53 17.73
C ASN B 166 10.34 -6.50 17.86
N GLN B 167 11.56 -6.96 18.16
CA GLN B 167 12.70 -6.12 18.66
C GLN B 167 12.32 -5.34 19.93
N THR B 187 11.96 -20.45 31.07
CA THR B 187 12.50 -21.40 30.06
C THR B 187 11.60 -21.39 28.80
N ASN B 188 10.32 -21.76 28.91
CA ASN B 188 9.28 -21.64 27.84
C ASN B 188 8.48 -20.34 28.01
N ILE B 189 9.01 -19.22 27.49
CA ILE B 189 8.31 -17.90 27.44
C ILE B 189 7.34 -17.91 26.25
N THR B 190 6.24 -17.15 26.32
CA THR B 190 5.33 -16.90 25.17
C THR B 190 5.65 -15.52 24.57
N GLU B 191 6.24 -15.46 23.36
CA GLU B 191 6.52 -14.20 22.61
C GLU B 191 5.32 -13.84 21.75
N VAL B 192 5.06 -12.54 21.55
CA VAL B 192 3.84 -12.02 20.88
C VAL B 192 4.24 -11.01 19.79
N ASP B 193 3.86 -11.28 18.54
CA ASP B 193 4.15 -10.43 17.35
C ASP B 193 2.82 -9.89 16.84
N ALA B 194 2.84 -8.66 16.32
CA ALA B 194 1.67 -8.03 15.66
C ALA B 194 1.47 -8.67 14.29
N ALA B 195 0.23 -8.98 13.93
CA ALA B 195 -0.12 -9.45 12.56
C ALA B 195 0.48 -8.46 11.56
N SER B 196 1.13 -8.94 10.50
CA SER B 196 1.68 -8.06 9.44
C SER B 196 1.39 -8.56 8.03
N VAL B 197 1.25 -9.87 7.83
CA VAL B 197 1.15 -10.46 6.46
C VAL B 197 -0.31 -10.43 6.01
N TYR B 198 -0.53 -9.84 4.83
CA TYR B 198 -1.87 -9.72 4.22
C TYR B 198 -2.41 -11.14 4.04
N THR B 199 -3.72 -11.32 4.26
CA THR B 199 -4.43 -12.60 4.04
C THR B 199 -4.73 -12.70 2.53
N LEU B 200 -3.66 -12.79 1.74
CA LEU B 200 -3.71 -12.80 0.26
C LEU B 200 -4.51 -14.00 -0.23
N PRO B 201 -5.26 -13.81 -1.32
CA PRO B 201 -5.81 -14.93 -2.06
C PRO B 201 -4.72 -15.49 -2.98
N ALA B 202 -5.04 -16.51 -3.75
CA ALA B 202 -4.25 -16.90 -4.94
C ALA B 202 -5.25 -17.25 -6.03
N GLY B 203 -4.97 -18.28 -6.84
CA GLY B 203 -5.76 -18.65 -8.03
C GLY B 203 -6.69 -19.82 -7.76
N ALA B 204 -7.28 -20.37 -8.81
CA ALA B 204 -8.26 -21.48 -8.66
C ALA B 204 -7.56 -22.64 -7.94
N ASP B 205 -8.26 -23.22 -6.97
CA ASP B 205 -7.91 -24.48 -6.27
C ASP B 205 -6.74 -24.23 -5.33
N PHE B 206 -6.50 -22.98 -4.96
CA PHE B 206 -5.58 -22.61 -3.86
C PHE B 206 -6.34 -22.52 -2.53
N LEU B 207 -5.69 -22.90 -1.43
CA LEU B 207 -6.16 -22.63 -0.06
C LEU B 207 -5.03 -21.94 0.71
N MET B 208 -5.15 -20.64 0.96
CA MET B 208 -4.16 -19.82 1.72
C MET B 208 -4.58 -19.81 3.19
N CYS B 209 -3.70 -20.22 4.08
CA CYS B 209 -3.95 -20.43 5.52
C CYS B 209 -3.01 -19.53 6.33
N TYR B 210 -3.57 -18.73 7.25
CA TYR B 210 -2.83 -17.63 7.93
C TYR B 210 -2.96 -17.77 9.44
N SER B 211 -1.82 -17.71 10.13
CA SER B 211 -1.68 -17.76 11.61
C SER B 211 -2.59 -16.75 12.30
N VAL B 212 -2.81 -15.59 11.69
CA VAL B 212 -3.39 -14.39 12.36
C VAL B 212 -3.97 -13.45 11.29
N ALA B 213 -5.03 -12.72 11.64
CA ALA B 213 -5.70 -11.71 10.79
C ALA B 213 -5.24 -10.31 11.18
N GLU B 214 -5.47 -9.32 10.32
CA GLU B 214 -5.23 -7.87 10.58
C GLU B 214 -5.86 -7.49 11.90
N GLY B 215 -5.17 -6.65 12.68
CA GLY B 215 -5.66 -6.17 13.99
C GLY B 215 -5.23 -7.06 15.14
N TYR B 216 -5.08 -8.37 14.91
CA TYR B 216 -4.82 -9.36 15.97
C TYR B 216 -3.31 -9.63 16.09
N TYR B 217 -2.97 -10.63 16.90
CA TYR B 217 -1.58 -10.90 17.39
C TYR B 217 -1.28 -12.40 17.30
N SER B 218 -0.07 -12.73 16.85
CA SER B 218 0.45 -14.10 16.72
C SER B 218 1.30 -14.43 17.96
N HIS B 219 1.12 -15.60 18.54
CA HIS B 219 1.81 -16.08 19.75
C HIS B 219 2.75 -17.26 19.42
N ARG B 220 3.95 -17.27 19.99
CA ARG B 220 4.92 -18.40 19.88
C ARG B 220 5.51 -18.70 21.25
N GLU B 221 5.20 -19.88 21.81
CA GLU B 221 5.88 -20.48 22.99
C GLU B 221 7.29 -20.87 22.47
N THR B 222 8.36 -20.59 23.24
CA THR B 222 9.76 -20.73 22.74
C THR B 222 10.23 -22.20 22.75
N VAL B 223 9.43 -23.12 23.30
CA VAL B 223 9.73 -24.58 23.30
C VAL B 223 8.62 -25.29 22.55
N ASN B 224 7.36 -24.97 22.86
CA ASN B 224 6.15 -25.67 22.32
C ASN B 224 5.79 -25.18 20.92
N GLY B 225 6.15 -23.93 20.58
CA GLY B 225 5.96 -23.35 19.24
C GLY B 225 4.73 -22.45 19.12
N SER B 226 4.49 -21.97 17.90
CA SER B 226 3.36 -21.07 17.53
C SER B 226 2.02 -21.67 17.99
N TRP B 227 1.14 -20.86 18.57
CA TRP B 227 -0.25 -21.27 18.94
C TRP B 227 -0.94 -21.85 17.71
N TYR B 228 -0.92 -21.14 16.59
CA TYR B 228 -1.54 -21.56 15.31
C TYR B 228 -1.13 -23.00 14.99
N ILE B 229 0.18 -23.25 14.96
CA ILE B 229 0.75 -24.54 14.46
C ILE B 229 0.46 -25.64 15.48
N GLN B 230 0.55 -25.32 16.76
CA GLN B 230 0.23 -26.30 17.82
C GLN B 230 -1.18 -26.82 17.54
N ASP B 231 -2.15 -25.91 17.42
CA ASP B 231 -3.58 -26.30 17.32
C ASP B 231 -3.82 -26.93 15.94
N LEU B 232 -3.17 -26.43 14.89
CA LEU B 232 -3.27 -27.04 13.54
C LEU B 232 -2.85 -28.52 13.65
N CYS B 233 -1.65 -28.75 14.20
CA CYS B 233 -1.03 -30.11 14.29
C CYS B 233 -1.89 -31.01 15.19
N GLU B 234 -2.38 -30.50 16.32
CA GLU B 234 -3.30 -31.27 17.21
C GLU B 234 -4.50 -31.74 16.39
N MET B 235 -5.14 -30.83 15.65
CA MET B 235 -6.35 -31.15 14.88
C MET B 235 -6.00 -32.10 13.74
N LEU B 236 -4.85 -31.91 13.10
CA LEU B 236 -4.36 -32.87 12.07
C LEU B 236 -4.23 -34.26 12.69
N GLY B 237 -3.59 -34.36 13.85
CA GLY B 237 -3.46 -35.61 14.63
C GLY B 237 -4.81 -36.29 14.82
N LYS B 238 -5.81 -35.59 15.38
CA LYS B 238 -7.12 -36.19 15.72
C LYS B 238 -7.95 -36.43 14.44
N TYR B 239 -8.02 -35.46 13.53
CA TYR B 239 -9.07 -35.44 12.48
C TYR B 239 -8.50 -35.34 11.05
N GLY B 240 -7.18 -35.21 10.86
CA GLY B 240 -6.57 -35.03 9.53
C GLY B 240 -7.17 -35.93 8.47
N SER B 241 -7.36 -37.21 8.80
CA SER B 241 -7.69 -38.29 7.83
C SER B 241 -9.20 -38.51 7.74
N SER B 242 -10.00 -37.95 8.66
CA SER B 242 -11.49 -38.06 8.62
C SER B 242 -12.13 -36.81 8.01
N LEU B 243 -11.85 -35.63 8.55
CA LEU B 243 -12.60 -34.37 8.31
C LEU B 243 -12.16 -33.71 7.01
N GLU B 244 -13.08 -32.97 6.39
CA GLU B 244 -12.79 -32.06 5.26
C GLU B 244 -11.86 -30.97 5.76
N PHE B 245 -10.84 -30.60 4.99
CA PHE B 245 -9.70 -29.81 5.49
C PHE B 245 -10.18 -28.44 5.98
N THR B 246 -11.11 -27.76 5.30
CA THR B 246 -11.60 -26.44 5.74
C THR B 246 -12.43 -26.58 7.03
N GLU B 247 -13.15 -27.71 7.25
CA GLU B 247 -13.85 -27.99 8.53
C GLU B 247 -12.83 -27.96 9.68
N LEU B 248 -11.69 -28.61 9.44
CA LEU B 248 -10.58 -28.73 10.41
C LEU B 248 -9.99 -27.34 10.69
N LEU B 249 -9.69 -26.58 9.63
CA LEU B 249 -9.13 -25.21 9.74
C LEU B 249 -10.09 -24.34 10.57
N THR B 250 -11.40 -24.60 10.46
CA THR B 250 -12.46 -23.93 11.25
C THR B 250 -12.30 -24.32 12.73
N LEU B 251 -12.09 -25.59 13.02
CA LEU B 251 -11.77 -26.06 14.40
C LEU B 251 -10.56 -25.27 14.92
N VAL B 252 -9.51 -25.14 14.10
CA VAL B 252 -8.27 -24.42 14.48
C VAL B 252 -8.62 -22.96 14.83
N ASN B 253 -9.50 -22.35 14.04
CA ASN B 253 -9.98 -20.97 14.32
C ASN B 253 -10.61 -20.95 15.72
N ARG B 254 -11.50 -21.88 16.02
CA ARG B 254 -12.14 -21.95 17.36
C ARG B 254 -11.04 -22.09 18.42
N LYS B 255 -10.14 -23.08 18.27
CA LYS B 255 -9.16 -23.43 19.33
C LYS B 255 -8.29 -22.21 19.64
N VAL B 256 -7.83 -21.50 18.61
CA VAL B 256 -6.86 -20.38 18.77
C VAL B 256 -7.61 -19.15 19.30
N SER B 257 -8.84 -18.91 18.83
CA SER B 257 -9.65 -17.73 19.27
C SER B 257 -9.97 -17.91 20.76
N GLN B 258 -10.25 -19.14 21.19
CA GLN B 258 -10.62 -19.47 22.59
C GLN B 258 -9.42 -19.45 23.53
N ARG B 259 -8.16 -19.41 23.06
CA ARG B 259 -6.99 -19.27 23.97
C ARG B 259 -7.10 -17.95 24.73
N ARG B 260 -6.98 -18.03 26.06
CA ARG B 260 -7.21 -16.93 27.02
C ARG B 260 -5.95 -16.05 27.08
N VAL B 261 -6.17 -14.75 27.15
CA VAL B 261 -5.09 -13.71 27.14
C VAL B 261 -5.43 -12.61 28.16
N ASP B 262 -6.00 -12.99 29.33
CA ASP B 262 -6.42 -12.05 30.41
C ASP B 262 -5.39 -12.07 31.56
N PHE B 263 -4.98 -13.25 32.06
CA PHE B 263 -3.97 -13.42 33.13
C PHE B 263 -2.67 -13.92 32.48
N CYS B 264 -1.71 -13.00 32.22
CA CYS B 264 -0.47 -13.22 31.42
C CYS B 264 0.78 -12.87 32.23
N LYS B 265 1.82 -13.72 32.14
CA LYS B 265 3.16 -13.52 32.77
C LYS B 265 3.60 -12.07 32.57
N ASP B 266 3.62 -11.62 31.30
CA ASP B 266 3.92 -10.23 30.86
C ASP B 266 2.63 -9.41 30.99
N PRO B 267 2.65 -8.23 31.65
CA PRO B 267 1.47 -7.37 31.71
C PRO B 267 0.93 -6.88 30.35
N SER B 268 1.83 -6.59 29.39
CA SER B 268 1.52 -5.91 28.10
C SER B 268 1.12 -6.91 27.02
N ALA B 269 1.14 -8.21 27.31
CA ALA B 269 0.64 -9.28 26.41
C ALA B 269 -0.86 -9.51 26.67
N ILE B 270 -1.46 -8.77 27.61
CA ILE B 270 -2.89 -8.91 28.05
C ILE B 270 -3.81 -8.29 26.98
N GLY B 271 -4.90 -8.97 26.64
CA GLY B 271 -5.95 -8.49 25.72
C GLY B 271 -5.50 -8.51 24.27
N LYS B 272 -4.45 -9.27 23.94
CA LYS B 272 -3.89 -9.42 22.58
C LYS B 272 -4.39 -10.75 22.01
N LYS B 273 -5.63 -10.79 21.53
CA LYS B 273 -6.27 -12.04 21.04
C LYS B 273 -5.61 -12.49 19.72
N GLN B 274 -5.73 -13.78 19.42
CA GLN B 274 -5.29 -14.33 18.13
C GLN B 274 -6.50 -14.90 17.42
N VAL B 275 -6.74 -14.43 16.20
CA VAL B 275 -7.79 -14.95 15.28
C VAL B 275 -7.11 -15.29 13.96
N PRO B 276 -6.93 -16.58 13.62
CA PRO B 276 -6.42 -16.96 12.31
C PRO B 276 -7.58 -16.96 11.31
N CYS B 277 -7.26 -16.93 10.03
CA CYS B 277 -8.22 -17.15 8.93
C CYS B 277 -7.64 -18.05 7.85
N PHE B 278 -8.50 -18.42 6.90
CA PHE B 278 -8.10 -19.01 5.61
C PHE B 278 -8.93 -18.41 4.49
N ALA B 279 -8.27 -18.22 3.34
CA ALA B 279 -8.87 -17.78 2.08
C ALA B 279 -8.96 -19.01 1.17
N SER B 280 -10.19 -19.53 0.91
CA SER B 280 -10.46 -20.71 0.04
C SER B 280 -10.81 -20.22 -1.35
N MET B 281 -10.07 -20.70 -2.33
CA MET B 281 -10.38 -20.63 -3.78
C MET B 281 -10.66 -22.05 -4.24
N LEU B 282 -10.87 -22.96 -3.29
CA LEU B 282 -11.15 -24.38 -3.60
C LEU B 282 -12.53 -24.47 -4.25
N THR B 283 -12.75 -25.54 -4.99
CA THR B 283 -13.93 -25.73 -5.85
C THR B 283 -14.60 -27.05 -5.51
N LYS B 284 -14.02 -27.82 -4.58
CA LYS B 284 -14.53 -29.16 -4.19
C LYS B 284 -14.17 -29.42 -2.74
N LYS B 285 -14.81 -30.42 -2.12
CA LYS B 285 -14.49 -30.87 -0.75
C LYS B 285 -13.08 -31.49 -0.80
N LEU B 286 -12.27 -31.27 0.24
CA LEU B 286 -10.88 -31.76 0.32
C LEU B 286 -10.73 -32.69 1.52
N HIS B 287 -10.42 -33.97 1.28
CA HIS B 287 -10.19 -34.99 2.33
C HIS B 287 -8.81 -35.62 2.15
N PHE B 288 -8.18 -36.02 3.26
CA PHE B 288 -6.88 -36.74 3.27
C PHE B 288 -7.11 -38.15 3.84
N PHE B 289 -8.05 -38.89 3.24
CA PHE B 289 -8.37 -40.28 3.64
C PHE B 289 -7.12 -41.14 3.52
N PRO B 290 -6.90 -42.11 4.43
CA PRO B 290 -5.71 -42.94 4.39
C PRO B 290 -5.56 -43.55 3.00
N LYS B 291 -4.38 -43.49 2.36
CA LYS B 291 -4.17 -44.14 1.03
C LYS B 291 -3.86 -45.62 1.27
N SER B 292 -4.48 -46.55 0.52
CA SER B 292 -4.35 -48.01 0.79
C SER B 292 -3.05 -48.50 0.14
N ASN B 293 -2.01 -48.71 0.96
CA ASN B 293 -0.61 -48.99 0.52
C ASN B 293 -0.13 -47.89 -0.43
N MET C 30 20.35 36.89 14.51
CA MET C 30 21.03 35.56 14.44
C MET C 30 20.68 34.87 13.11
N PHE C 31 19.39 34.81 12.73
CA PHE C 31 18.83 33.98 11.62
C PHE C 31 19.23 34.52 10.24
N ASP C 32 19.54 33.63 9.27
CA ASP C 32 20.13 34.02 7.96
C ASP C 32 19.45 33.30 6.79
N PRO C 33 18.69 34.01 5.93
CA PRO C 33 18.06 33.39 4.76
C PRO C 33 18.96 32.80 3.67
N ALA C 34 20.27 33.11 3.65
CA ALA C 34 21.22 32.69 2.59
C ALA C 34 22.21 31.67 3.15
N GLU C 35 21.93 31.13 4.34
CA GLU C 35 22.81 30.20 5.07
C GLU C 35 23.06 28.95 4.22
N LYS C 36 24.33 28.58 4.08
CA LYS C 36 24.83 27.41 3.28
C LYS C 36 25.27 26.29 4.24
N TYR C 37 25.16 25.05 3.78
CA TYR C 37 25.84 23.91 4.44
C TYR C 37 27.33 24.26 4.48
N LYS C 38 28.01 23.90 5.57
CA LYS C 38 29.48 24.07 5.67
C LYS C 38 30.13 23.01 4.77
N MET C 39 30.86 23.48 3.75
CA MET C 39 31.40 22.61 2.67
C MET C 39 32.91 22.85 2.56
N ASP C 40 33.58 23.04 3.71
CA ASP C 40 35.01 23.40 3.87
C ASP C 40 35.73 22.35 4.75
N HIS C 41 35.23 21.11 4.84
CA HIS C 41 35.92 19.98 5.50
C HIS C 41 37.11 19.55 4.62
N ARG C 42 38.01 18.68 5.11
CA ARG C 42 39.25 18.31 4.36
C ARG C 42 38.85 17.65 3.02
N ARG C 43 37.97 16.65 3.05
CA ARG C 43 37.49 15.91 1.85
C ARG C 43 36.01 16.25 1.60
N ARG C 44 35.58 16.20 0.34
CA ARG C 44 34.16 16.37 -0.07
C ARG C 44 33.32 15.24 0.53
N GLY C 45 33.76 13.98 0.34
CA GLY C 45 33.10 12.78 0.91
C GLY C 45 32.95 11.66 -0.10
N ILE C 46 32.21 10.61 0.27
CA ILE C 46 32.05 9.42 -0.61
C ILE C 46 30.83 9.59 -1.52
N ALA C 47 30.93 9.12 -2.76
CA ALA C 47 29.79 8.81 -3.65
C ALA C 47 29.75 7.29 -3.89
N LEU C 48 28.80 6.58 -3.28
CA LEU C 48 28.49 5.17 -3.60
C LEU C 48 27.70 5.14 -4.90
N ILE C 49 28.05 4.23 -5.80
CA ILE C 49 27.24 3.89 -7.00
C ILE C 49 27.01 2.37 -7.05
N PHE C 50 25.81 1.94 -6.69
CA PHE C 50 25.35 0.55 -6.90
C PHE C 50 24.74 0.44 -8.29
N ASN C 51 25.39 -0.34 -9.16
CA ASN C 51 25.08 -0.42 -10.60
C ASN C 51 24.63 -1.83 -10.94
N HIS C 52 23.38 -1.99 -11.35
CA HIS C 52 22.74 -3.30 -11.66
C HIS C 52 22.37 -3.37 -13.14
N GLU C 53 22.96 -4.34 -13.85
CA GLU C 53 22.80 -4.59 -15.31
C GLU C 53 21.99 -5.87 -15.55
N ARG C 54 22.27 -6.90 -14.75
CA ARG C 54 21.64 -8.24 -14.86
C ARG C 54 21.05 -8.61 -13.50
N PHE C 55 20.14 -9.59 -13.51
CA PHE C 55 19.45 -10.08 -12.30
C PHE C 55 19.36 -11.62 -12.33
N PHE C 56 19.33 -12.22 -11.16
CA PHE C 56 18.95 -13.64 -10.93
C PHE C 56 17.84 -14.04 -11.90
N TRP C 57 17.97 -15.20 -12.57
CA TRP C 57 17.00 -15.66 -13.60
C TRP C 57 15.57 -15.60 -13.02
N HIS C 58 15.37 -16.12 -11.80
CA HIS C 58 14.03 -16.42 -11.21
C HIS C 58 13.34 -15.16 -10.69
N LEU C 59 13.92 -13.98 -10.96
CA LEU C 59 13.26 -12.66 -10.75
C LEU C 59 12.55 -12.20 -12.02
N THR C 60 12.99 -12.67 -13.19
CA THR C 60 12.38 -12.34 -14.51
C THR C 60 12.37 -10.83 -14.67
N LEU C 61 13.55 -10.21 -14.56
CA LEU C 61 13.79 -8.76 -14.79
C LEU C 61 14.77 -8.64 -15.94
N PRO C 62 14.56 -7.72 -16.89
CA PRO C 62 15.45 -7.56 -18.02
C PRO C 62 16.79 -6.89 -17.71
N GLU C 63 17.84 -7.29 -18.43
CA GLU C 63 19.12 -6.56 -18.55
C GLU C 63 18.83 -5.07 -18.72
N ARG C 64 19.63 -4.21 -18.10
CA ARG C 64 19.49 -2.76 -18.27
C ARG C 64 20.68 -2.26 -19.13
N ARG C 65 20.72 -2.65 -20.40
CA ARG C 65 21.83 -2.28 -21.31
C ARG C 65 21.91 -0.76 -21.39
N GLY C 66 23.04 -0.17 -21.02
CA GLY C 66 23.26 1.29 -20.99
C GLY C 66 23.63 1.76 -19.59
N THR C 67 23.39 0.92 -18.57
CA THR C 67 23.55 1.32 -17.16
C THR C 67 25.04 1.63 -16.90
N CYS C 68 25.94 1.01 -17.66
CA CYS C 68 27.40 1.23 -17.48
C CYS C 68 27.75 2.65 -17.92
N ALA C 69 27.09 3.15 -18.98
CA ALA C 69 27.28 4.55 -19.44
C ALA C 69 26.93 5.49 -18.29
N ASP C 70 25.84 5.18 -17.58
CA ASP C 70 25.35 5.97 -16.43
C ASP C 70 26.44 5.94 -15.35
N ARG C 71 26.87 4.74 -14.97
CA ARG C 71 27.86 4.52 -13.89
C ARG C 71 29.12 5.34 -14.20
N ASP C 72 29.61 5.30 -15.43
CA ASP C 72 30.91 5.92 -15.83
C ASP C 72 30.73 7.45 -15.86
N ASN C 73 29.68 7.92 -16.52
CA ASN C 73 29.34 9.37 -16.64
C ASN C 73 29.19 9.95 -15.21
N LEU C 74 28.49 9.28 -14.31
CA LEU C 74 28.36 9.71 -12.88
C LEU C 74 29.76 9.71 -12.25
N THR C 75 30.50 8.60 -12.36
CA THR C 75 31.84 8.47 -11.74
C THR C 75 32.69 9.69 -12.12
N ARG C 76 32.68 10.08 -13.40
CA ARG C 76 33.49 11.24 -13.87
C ARG C 76 33.00 12.49 -13.14
N ARG C 77 31.71 12.78 -13.23
CA ARG C 77 31.17 14.11 -12.83
C ARG C 77 31.33 14.30 -11.34
N PHE C 78 31.12 13.24 -10.58
CA PHE C 78 31.20 13.28 -9.10
C PHE C 78 32.67 13.36 -8.67
N SER C 79 33.58 12.70 -9.41
CA SER C 79 35.05 12.84 -9.18
C SER C 79 35.45 14.30 -9.32
N ASP C 80 35.02 14.98 -10.39
CA ASP C 80 35.43 16.37 -10.67
C ASP C 80 34.95 17.29 -9.55
N LEU C 81 33.96 16.87 -8.75
CA LEU C 81 33.44 17.71 -7.64
C LEU C 81 34.13 17.36 -6.32
N GLY C 82 35.09 16.44 -6.36
CA GLY C 82 35.96 16.10 -5.21
C GLY C 82 35.50 14.85 -4.47
N PHE C 83 34.51 14.14 -5.00
CA PHE C 83 33.99 12.91 -4.36
C PHE C 83 34.98 11.78 -4.58
N GLU C 84 35.20 10.97 -3.56
CA GLU C 84 35.82 9.63 -3.64
C GLU C 84 34.70 8.67 -4.12
N VAL C 85 34.64 8.40 -5.43
CA VAL C 85 33.58 7.55 -6.04
C VAL C 85 33.93 6.08 -5.82
N LYS C 86 32.99 5.27 -5.36
CA LYS C 86 33.18 3.80 -5.19
C LYS C 86 32.00 3.10 -5.87
N CYS C 87 32.21 2.48 -7.03
CA CYS C 87 31.18 1.72 -7.80
C CYS C 87 31.17 0.26 -7.34
N PHE C 88 30.01 -0.39 -7.43
CA PHE C 88 29.83 -1.83 -7.12
C PHE C 88 28.82 -2.44 -8.11
N ASN C 89 29.29 -3.41 -8.89
CA ASN C 89 28.52 -4.01 -10.01
C ASN C 89 27.81 -5.27 -9.55
N ASP C 90 26.49 -5.28 -9.66
CA ASP C 90 25.61 -6.47 -9.58
C ASP C 90 25.80 -7.20 -8.24
N LEU C 91 25.88 -6.45 -7.13
CA LEU C 91 25.97 -7.07 -5.77
C LEU C 91 24.66 -7.80 -5.45
N LYS C 92 24.76 -8.92 -4.72
CA LYS C 92 23.58 -9.57 -4.11
C LYS C 92 23.17 -8.77 -2.88
N ALA C 93 21.98 -9.03 -2.33
CA ALA C 93 21.40 -8.22 -1.24
C ALA C 93 22.40 -8.16 -0.09
N GLU C 94 22.93 -9.31 0.31
CA GLU C 94 23.86 -9.39 1.47
C GLU C 94 25.07 -8.52 1.20
N GLU C 95 25.71 -8.68 0.04
CA GLU C 95 26.95 -7.94 -0.30
C GLU C 95 26.65 -6.45 -0.22
N LEU C 96 25.51 -6.02 -0.78
CA LEU C 96 25.12 -4.59 -0.87
C LEU C 96 24.95 -4.05 0.54
N LEU C 97 24.14 -4.73 1.36
CA LEU C 97 23.89 -4.30 2.76
C LEU C 97 25.20 -4.21 3.53
N LEU C 98 26.11 -5.18 3.41
CA LEU C 98 27.44 -5.10 4.06
C LEU C 98 28.15 -3.83 3.56
N LYS C 99 28.22 -3.60 2.25
CA LYS C 99 29.06 -2.47 1.75
C LYS C 99 28.47 -1.15 2.26
N ILE C 100 27.16 -1.01 2.27
CA ILE C 100 26.52 0.28 2.65
C ILE C 100 26.59 0.43 4.17
N HIS C 101 26.43 -0.64 4.94
CA HIS C 101 26.57 -0.59 6.43
C HIS C 101 28.01 -0.22 6.81
N GLU C 102 29.02 -0.82 6.16
CA GLU C 102 30.45 -0.44 6.30
C GLU C 102 30.56 1.08 6.17
N VAL C 103 30.14 1.62 5.03
CA VAL C 103 30.26 3.07 4.75
C VAL C 103 29.54 3.87 5.85
N SER C 104 28.46 3.33 6.42
CA SER C 104 27.64 4.07 7.42
C SER C 104 28.42 4.19 8.74
N THR C 105 29.28 3.22 9.06
CA THR C 105 29.92 3.05 10.39
C THR C 105 31.37 3.53 10.38
N VAL C 106 32.00 3.70 9.21
CA VAL C 106 33.22 4.53 9.06
C VAL C 106 32.90 5.97 9.52
N SER C 107 33.90 6.72 9.97
CA SER C 107 33.78 8.16 10.33
C SER C 107 33.76 8.99 9.05
N HIS C 108 32.75 9.86 8.89
CA HIS C 108 32.67 10.92 7.85
C HIS C 108 32.98 12.29 8.45
N ALA C 109 33.55 12.31 9.66
CA ALA C 109 33.80 13.53 10.46
C ALA C 109 34.52 14.60 9.62
N ASP C 110 35.45 14.22 8.75
CA ASP C 110 36.29 15.15 7.95
C ASP C 110 35.74 15.32 6.52
N ALA C 111 34.43 15.14 6.33
CA ALA C 111 33.79 15.16 4.99
C ALA C 111 32.61 16.15 4.99
N ASP C 112 32.36 16.74 3.82
CA ASP C 112 31.28 17.74 3.61
C ASP C 112 29.91 17.06 3.62
N CYS C 113 29.78 15.92 2.94
CA CYS C 113 28.47 15.32 2.61
C CYS C 113 28.66 13.86 2.18
N PHE C 114 27.55 13.23 1.79
CA PHE C 114 27.48 11.82 1.30
C PHE C 114 26.49 11.74 0.15
N VAL C 115 26.87 10.96 -0.85
CA VAL C 115 26.06 10.69 -2.07
C VAL C 115 25.98 9.18 -2.23
N CYS C 116 24.79 8.68 -2.51
CA CYS C 116 24.53 7.26 -2.78
C CYS C 116 23.62 7.16 -3.99
N VAL C 117 23.99 6.36 -4.98
CA VAL C 117 23.25 6.27 -6.27
C VAL C 117 22.84 4.82 -6.52
N PHE C 118 21.59 4.59 -6.88
CA PHE C 118 21.05 3.26 -7.27
C PHE C 118 20.63 3.32 -8.73
N LEU C 119 21.29 2.48 -9.53
CA LEU C 119 20.97 2.21 -10.95
C LEU C 119 20.50 0.75 -11.00
N SER C 120 19.19 0.54 -10.97
CA SER C 120 18.57 -0.80 -10.97
C SER C 120 17.09 -0.70 -11.36
N HIS C 121 16.36 -1.77 -11.15
CA HIS C 121 14.88 -1.79 -11.14
C HIS C 121 14.41 -1.56 -9.71
N GLY C 122 13.14 -1.14 -9.57
CA GLY C 122 12.47 -0.96 -8.27
C GLY C 122 10.98 -1.17 -8.35
N GLU C 123 10.33 -1.15 -7.20
CA GLU C 123 8.87 -1.30 -7.01
C GLU C 123 8.57 -0.68 -5.65
N GLY C 124 7.65 0.30 -5.59
CA GLY C 124 7.14 0.88 -4.33
C GLY C 124 8.27 1.47 -3.51
N ASN C 125 8.54 0.88 -2.35
CA ASN C 125 9.59 1.43 -1.45
C ASN C 125 10.81 0.51 -1.52
N HIS C 126 10.99 -0.20 -2.63
CA HIS C 126 12.06 -1.22 -2.79
C HIS C 126 12.95 -0.91 -4.01
N ILE C 127 14.24 -1.21 -3.86
CA ILE C 127 15.24 -1.22 -4.97
C ILE C 127 15.67 -2.67 -5.14
N TYR C 128 16.00 -3.07 -6.37
CA TYR C 128 16.41 -4.47 -6.66
C TYR C 128 17.94 -4.58 -6.62
N ALA C 129 18.43 -5.43 -5.72
CA ALA C 129 19.79 -6.02 -5.78
C ALA C 129 19.77 -7.09 -6.88
N TYR C 130 20.85 -7.83 -7.07
CA TYR C 130 20.93 -8.92 -8.09
C TYR C 130 19.86 -9.99 -7.78
N ASP C 131 19.67 -10.33 -6.50
CA ASP C 131 18.91 -11.55 -6.11
C ASP C 131 17.59 -11.22 -5.41
N ALA C 132 17.41 -10.00 -4.88
CA ALA C 132 16.17 -9.68 -4.15
C ALA C 132 16.03 -8.17 -3.99
N LYS C 133 14.85 -7.75 -3.51
CA LYS C 133 14.52 -6.32 -3.31
C LYS C 133 14.91 -5.94 -1.89
N ILE C 134 15.30 -4.67 -1.72
CA ILE C 134 15.68 -4.09 -0.41
C ILE C 134 14.83 -2.84 -0.15
N GLU C 135 14.37 -2.71 1.09
CA GLU C 135 13.57 -1.57 1.58
C GLU C 135 14.46 -0.32 1.55
N ILE C 136 14.14 0.67 0.70
CA ILE C 136 14.89 1.96 0.58
C ILE C 136 15.04 2.60 1.96
N GLN C 137 13.99 2.61 2.78
CA GLN C 137 14.00 3.14 4.17
C GLN C 137 15.18 2.55 4.95
N THR C 138 15.47 1.24 4.84
CA THR C 138 16.57 0.62 5.64
C THR C 138 17.94 1.13 5.15
N LEU C 139 18.07 1.49 3.87
CA LEU C 139 19.32 2.05 3.30
C LEU C 139 19.50 3.49 3.77
N THR C 140 18.48 4.34 3.65
CA THR C 140 18.56 5.76 4.08
C THR C 140 18.65 5.80 5.61
N GLY C 141 18.00 4.84 6.28
CA GLY C 141 18.00 4.71 7.74
C GLY C 141 19.39 4.72 8.35
N LEU C 142 20.37 4.16 7.64
CA LEU C 142 21.73 3.94 8.21
C LEU C 142 22.46 5.27 8.36
N PHE C 143 21.98 6.33 7.71
CA PHE C 143 22.62 7.67 7.73
C PHE C 143 21.78 8.71 8.52
N LYS C 144 20.65 8.30 9.11
CA LYS C 144 19.82 9.14 10.02
C LYS C 144 20.72 9.60 11.16
N GLY C 145 20.59 10.86 11.60
CA GLY C 145 21.42 11.44 12.67
C GLY C 145 21.66 10.44 13.80
N ASP C 146 20.62 9.77 14.28
CA ASP C 146 20.71 8.75 15.36
C ASP C 146 21.93 7.85 15.13
N LYS C 147 22.03 7.25 13.94
CA LYS C 147 22.86 6.04 13.63
C LYS C 147 24.21 6.42 13.01
N CYS C 148 24.39 7.66 12.54
CA CYS C 148 25.64 8.08 11.84
C CYS C 148 25.99 9.52 12.24
N HIS C 149 26.67 9.68 13.37
CA HIS C 149 26.94 10.98 14.05
C HIS C 149 27.79 11.86 13.13
N SER C 150 28.77 11.28 12.46
CA SER C 150 29.73 12.00 11.59
C SER C 150 29.02 12.74 10.44
N LEU C 151 27.76 12.41 10.13
CA LEU C 151 27.00 13.03 8.99
C LEU C 151 25.83 13.89 9.49
N VAL C 152 25.61 13.95 10.80
CA VAL C 152 24.58 14.87 11.40
C VAL C 152 24.85 16.28 10.89
N GLY C 153 23.83 16.95 10.33
CA GLY C 153 23.87 18.35 9.88
C GLY C 153 24.57 18.52 8.54
N LYS C 154 24.98 17.40 7.93
CA LYS C 154 25.63 17.39 6.59
C LYS C 154 24.64 16.80 5.60
N PRO C 155 24.61 17.30 4.35
CA PRO C 155 23.72 16.77 3.32
C PRO C 155 23.93 15.26 3.03
N LYS C 156 22.85 14.50 2.91
CA LYS C 156 22.89 13.09 2.48
C LYS C 156 22.04 13.00 1.21
N ILE C 157 22.67 12.98 0.04
CA ILE C 157 21.98 12.95 -1.27
C ILE C 157 21.84 11.50 -1.75
N PHE C 158 20.62 11.04 -2.01
CA PHE C 158 20.35 9.79 -2.74
C PHE C 158 19.78 10.11 -4.13
N ILE C 159 20.34 9.44 -5.14
CA ILE C 159 19.90 9.55 -6.55
C ILE C 159 19.47 8.14 -7.00
N ILE C 160 18.27 8.02 -7.52
CA ILE C 160 17.61 6.70 -7.78
C ILE C 160 17.07 6.67 -9.21
N GLN C 161 17.70 5.85 -10.03
CA GLN C 161 17.29 5.56 -11.42
C GLN C 161 16.77 4.13 -11.38
N ALA C 162 15.48 4.00 -11.06
CA ALA C 162 14.79 2.72 -10.84
C ALA C 162 13.33 2.83 -11.29
N ALA C 163 12.85 1.77 -11.93
CA ALA C 163 11.50 1.66 -12.50
C ALA C 163 11.18 0.18 -12.71
N ARG C 164 10.04 -0.15 -13.34
CA ARG C 164 9.50 -1.52 -13.49
C ARG C 164 10.18 -2.20 -14.69
N GLY C 165 10.69 -3.41 -14.49
CA GLY C 165 11.29 -4.23 -15.55
C GLY C 165 10.34 -4.45 -16.74
N ASN C 166 10.70 -3.86 -17.88
CA ASN C 166 9.94 -3.79 -19.16
C ASN C 166 9.25 -5.12 -19.50
N GLN C 167 10.01 -6.19 -19.82
CA GLN C 167 9.51 -7.47 -20.40
C GLN C 167 8.81 -7.22 -21.75
N THR C 187 21.50 -0.35 -33.13
CA THR C 187 22.59 -0.43 -32.12
C THR C 187 22.13 0.26 -30.82
N ASN C 188 21.84 1.57 -30.86
CA ASN C 188 21.39 2.40 -29.70
C ASN C 188 19.86 2.53 -29.73
N ILE C 189 19.16 1.55 -29.16
CA ILE C 189 17.68 1.57 -28.97
C ILE C 189 17.36 2.44 -27.74
N THR C 190 16.19 3.07 -27.68
CA THR C 190 15.65 3.72 -26.46
C THR C 190 14.62 2.78 -25.81
N GLU C 191 14.93 2.19 -24.64
CA GLU C 191 13.98 1.35 -23.85
C GLU C 191 13.21 2.23 -22.87
N VAL C 192 11.96 1.86 -22.57
CA VAL C 192 11.00 2.68 -21.78
C VAL C 192 10.34 1.82 -20.67
N ASP C 193 10.49 2.22 -19.41
CA ASP C 193 9.94 1.53 -18.22
C ASP C 193 8.91 2.45 -17.59
N ALA C 194 7.85 1.88 -17.01
CA ALA C 194 6.85 2.64 -16.24
C ALA C 194 7.42 3.01 -14.88
N ALA C 195 7.22 4.25 -14.42
CA ALA C 195 7.57 4.66 -13.05
C ALA C 195 6.97 3.65 -12.07
N SER C 196 7.74 3.22 -11.08
CA SER C 196 7.26 2.27 -10.04
C SER C 196 7.69 2.69 -8.63
N VAL C 197 8.82 3.39 -8.47
CA VAL C 197 9.41 3.68 -7.14
C VAL C 197 8.77 4.94 -6.54
N TYR C 198 8.25 4.82 -5.33
CA TYR C 198 7.63 5.95 -4.59
C TYR C 198 8.69 7.03 -4.42
N THR C 199 8.31 8.30 -4.58
CA THR C 199 9.21 9.45 -4.38
C THR C 199 9.29 9.75 -2.88
N LEU C 200 9.86 8.79 -2.14
CA LEU C 200 9.93 8.80 -0.66
C LEU C 200 10.75 10.02 -0.21
N PRO C 201 10.40 10.60 0.94
CA PRO C 201 11.32 11.46 1.67
C PRO C 201 12.29 10.57 2.47
N ALA C 202 13.17 11.16 3.25
CA ALA C 202 13.93 10.47 4.30
C ALA C 202 13.90 11.38 5.54
N GLY C 203 15.02 11.59 6.22
CA GLY C 203 15.06 12.44 7.43
C GLY C 203 15.63 13.82 7.18
N ALA C 204 15.87 14.57 8.24
CA ALA C 204 16.49 15.91 8.15
C ALA C 204 17.79 15.82 7.35
N ASP C 205 17.95 16.76 6.42
CA ASP C 205 19.20 17.03 5.66
C ASP C 205 19.42 15.93 4.63
N PHE C 206 18.37 15.19 4.29
CA PHE C 206 18.37 14.27 3.10
C PHE C 206 17.83 15.01 1.87
N LEU C 207 18.37 14.66 0.70
CA LEU C 207 17.81 15.07 -0.61
C LEU C 207 17.64 13.81 -1.45
N MET C 208 16.40 13.37 -1.64
CA MET C 208 16.04 12.17 -2.45
C MET C 208 15.72 12.63 -3.87
N CYS C 209 16.42 12.08 -4.85
CA CYS C 209 16.36 12.48 -6.28
C CYS C 209 15.90 11.28 -7.11
N TYR C 210 14.86 11.46 -7.91
CA TYR C 210 14.16 10.36 -8.60
C TYR C 210 14.10 10.62 -10.10
N SER C 211 14.49 9.62 -10.90
CA SER C 211 14.48 9.61 -12.38
C SER C 211 13.11 10.01 -12.93
N VAL C 212 12.04 9.64 -12.25
CA VAL C 212 10.65 9.68 -12.80
C VAL C 212 9.64 9.72 -11.66
N ALA C 213 8.51 10.39 -11.88
CA ALA C 213 7.41 10.50 -10.88
C ALA C 213 6.29 9.52 -11.24
N GLU C 214 5.35 9.29 -10.30
CA GLU C 214 4.13 8.47 -10.54
C GLU C 214 3.43 8.97 -11.81
N GLY C 215 2.89 8.05 -12.61
CA GLY C 215 2.17 8.40 -13.84
C GLY C 215 3.08 8.46 -15.06
N TYR C 216 4.36 8.82 -14.89
CA TYR C 216 5.29 9.07 -16.02
C TYR C 216 6.14 7.82 -16.29
N TYR C 217 7.12 7.97 -17.19
CA TYR C 217 7.91 6.87 -17.79
C TYR C 217 9.41 7.23 -17.82
N SER C 218 10.25 6.25 -17.49
CA SER C 218 11.73 6.36 -17.47
C SER C 218 12.30 5.81 -18.76
N HIS C 219 13.26 6.52 -19.37
CA HIS C 219 13.90 6.19 -20.66
C HIS C 219 15.38 5.84 -20.46
N ARG C 220 15.88 4.82 -21.15
CA ARG C 220 17.32 4.47 -21.21
C ARG C 220 17.72 4.17 -22.66
N GLU C 221 18.60 5.00 -23.24
CA GLU C 221 19.35 4.71 -24.49
C GLU C 221 20.34 3.58 -24.13
N THR C 222 20.49 2.53 -24.96
CA THR C 222 21.27 1.32 -24.60
C THR C 222 22.78 1.55 -24.74
N VAL C 223 23.21 2.70 -25.27
CA VAL C 223 24.65 3.08 -25.40
C VAL C 223 24.89 4.35 -24.60
N ASN C 224 24.03 5.36 -24.77
CA ASN C 224 24.19 6.71 -24.16
C ASN C 224 23.73 6.72 -22.69
N GLY C 225 22.79 5.85 -22.33
CA GLY C 225 22.31 5.66 -20.95
C GLY C 225 20.98 6.35 -20.66
N SER C 226 20.55 6.27 -19.41
CA SER C 226 19.28 6.85 -18.90
C SER C 226 19.20 8.35 -19.25
N TRP C 227 18.02 8.81 -19.70
CA TRP C 227 17.75 10.24 -19.95
C TRP C 227 18.08 11.04 -18.68
N TYR C 228 17.54 10.62 -17.54
CA TYR C 228 17.72 11.32 -16.24
C TYR C 228 19.22 11.55 -16.00
N ILE C 229 20.01 10.48 -16.10
CA ILE C 229 21.45 10.51 -15.72
C ILE C 229 22.23 11.34 -16.74
N GLN C 230 21.89 11.19 -18.03
CA GLN C 230 22.54 11.98 -19.10
C GLN C 230 22.41 13.44 -18.71
N ASP C 231 21.19 13.90 -18.46
CA ASP C 231 20.91 15.34 -18.25
C ASP C 231 21.47 15.76 -16.88
N LEU C 232 21.38 14.90 -15.87
CA LEU C 232 22.00 15.20 -14.55
C LEU C 232 23.50 15.45 -14.76
N CYS C 233 24.19 14.51 -15.41
CA CYS C 233 25.66 14.56 -15.63
C CYS C 233 26.03 15.78 -16.48
N GLU C 234 25.27 16.07 -17.55
CA GLU C 234 25.50 17.26 -18.39
C GLU C 234 25.46 18.50 -17.49
N MET C 235 24.41 18.63 -16.66
CA MET C 235 24.22 19.82 -15.79
C MET C 235 25.34 19.86 -14.74
N LEU C 236 25.71 18.71 -14.19
CA LEU C 236 26.87 18.64 -13.25
C LEU C 236 28.13 19.18 -13.94
N GLY C 237 28.41 18.69 -15.16
CA GLY C 237 29.52 19.16 -16.00
C GLY C 237 29.54 20.67 -16.11
N LYS C 238 28.44 21.29 -16.56
CA LYS C 238 28.39 22.74 -16.83
C LYS C 238 28.33 23.53 -15.52
N TYR C 239 27.49 23.14 -14.56
CA TYR C 239 27.09 24.03 -13.44
C TYR C 239 27.34 23.42 -12.05
N GLY C 240 27.79 22.16 -11.95
CA GLY C 240 28.00 21.48 -10.66
C GLY C 240 28.62 22.38 -9.60
N SER C 241 29.66 23.12 -9.97
CA SER C 241 30.56 23.83 -9.03
C SER C 241 30.11 25.26 -8.79
N SER C 242 29.17 25.79 -9.59
CA SER C 242 28.61 27.16 -9.42
C SER C 242 27.25 27.11 -8.70
N LEU C 243 26.30 26.33 -9.21
CA LEU C 243 24.86 26.42 -8.84
C LEU C 243 24.57 25.67 -7.54
N GLU C 244 23.55 26.14 -6.82
CA GLU C 244 22.95 25.42 -5.67
C GLU C 244 22.34 24.13 -6.20
N PHE C 245 22.51 23.01 -5.49
CA PHE C 245 22.27 21.68 -6.07
C PHE C 245 20.79 21.53 -6.46
N THR C 246 19.84 22.01 -5.66
CA THR C 246 18.39 21.91 -6.01
C THR C 246 18.07 22.79 -7.22
N GLU C 247 18.74 23.93 -7.42
CA GLU C 247 18.58 24.76 -8.65
C GLU C 247 18.92 23.91 -9.88
N LEU C 248 20.01 23.14 -9.78
CA LEU C 248 20.54 22.27 -10.84
C LEU C 248 19.53 21.14 -11.11
N LEU C 249 19.06 20.49 -10.05
CA LEU C 249 18.07 19.39 -10.15
C LEU C 249 16.80 19.90 -10.85
N THR C 250 16.48 21.19 -10.65
CA THR C 250 15.35 21.88 -11.31
C THR C 250 15.64 22.00 -12.80
N LEU C 251 16.87 22.41 -13.16
CA LEU C 251 17.31 22.41 -14.59
C LEU C 251 17.10 21.00 -15.18
N VAL C 252 17.50 19.95 -14.45
CA VAL C 252 17.37 18.55 -14.92
C VAL C 252 15.88 18.23 -15.16
N ASN C 253 15.00 18.71 -14.29
CA ASN C 253 13.53 18.56 -14.46
C ASN C 253 13.14 19.19 -15.80
N ARG C 254 13.57 20.43 -16.07
CA ARG C 254 13.25 21.11 -17.35
C ARG C 254 13.80 20.25 -18.50
N LYS C 255 15.08 19.87 -18.46
CA LYS C 255 15.75 19.22 -19.61
C LYS C 255 15.01 17.94 -19.95
N VAL C 256 14.66 17.13 -18.95
CA VAL C 256 14.06 15.77 -19.15
C VAL C 256 12.60 15.93 -19.58
N SER C 257 11.88 16.90 -19.00
CA SER C 257 10.45 17.13 -19.32
C SER C 257 10.35 17.59 -20.79
N GLN C 258 11.30 18.41 -21.22
CA GLN C 258 11.34 18.99 -22.60
C GLN C 258 11.80 17.95 -23.63
N ARG C 259 12.34 16.79 -23.26
CA ARG C 259 12.71 15.74 -24.25
C ARG C 259 11.43 15.31 -24.99
N ARG C 260 11.50 15.31 -26.34
CA ARG C 260 10.35 15.06 -27.24
C ARG C 260 10.13 13.55 -27.36
N VAL C 261 8.86 13.14 -27.35
CA VAL C 261 8.42 11.72 -27.32
C VAL C 261 7.17 11.57 -28.22
N ASP C 262 7.16 12.27 -29.36
CA ASP C 262 6.03 12.30 -30.34
C ASP C 262 6.40 11.45 -31.58
N PHE C 263 7.59 11.62 -32.17
CA PHE C 263 8.08 10.85 -33.35
C PHE C 263 9.12 9.82 -32.88
N CYS C 264 8.69 8.56 -32.66
CA CYS C 264 9.45 7.47 -31.97
C CYS C 264 9.58 6.22 -32.86
N LYS C 265 10.78 5.63 -32.93
CA LYS C 265 11.08 4.33 -33.61
C LYS C 265 9.94 3.35 -33.37
N ASP C 266 9.63 3.08 -32.10
CA ASP C 266 8.53 2.21 -31.62
C ASP C 266 7.25 3.05 -31.59
N PRO C 267 6.12 2.59 -32.20
CA PRO C 267 4.85 3.31 -32.11
C PRO C 267 4.31 3.52 -30.67
N SER C 268 4.49 2.53 -29.78
CA SER C 268 3.86 2.46 -28.44
C SER C 268 4.70 3.20 -27.38
N ALA C 269 5.86 3.71 -27.75
CA ALA C 269 6.72 4.56 -26.89
C ALA C 269 6.31 6.04 -27.04
N ILE C 270 5.30 6.34 -27.87
CA ILE C 270 4.82 7.71 -28.19
C ILE C 270 3.95 8.22 -27.02
N GLY C 271 4.15 9.49 -26.62
CA GLY C 271 3.32 10.18 -25.62
C GLY C 271 3.62 9.70 -24.20
N LYS C 272 4.77 9.05 -24.01
CA LYS C 272 5.26 8.54 -22.71
C LYS C 272 6.28 9.54 -22.15
N LYS C 273 5.79 10.64 -21.55
CA LYS C 273 6.66 11.75 -21.08
C LYS C 273 7.45 11.29 -19.85
N GLN C 274 8.59 11.92 -19.60
CA GLN C 274 9.38 11.69 -18.38
C GLN C 274 9.44 13.01 -17.63
N VAL C 275 8.99 12.98 -16.38
CA VAL C 275 9.10 14.11 -15.40
C VAL C 275 9.74 13.51 -14.13
N PRO C 276 11.00 13.88 -13.86
CA PRO C 276 11.64 13.51 -12.60
C PRO C 276 11.20 14.47 -11.50
N CYS C 277 11.38 14.09 -10.25
CA CYS C 277 11.28 15.02 -9.10
C CYS C 277 12.38 14.81 -8.08
N PHE C 278 12.43 15.72 -7.10
CA PHE C 278 13.23 15.56 -5.87
C PHE C 278 12.42 15.96 -4.67
N ALA C 279 12.62 15.21 -3.58
CA ALA C 279 12.11 15.51 -2.24
C ALA C 279 13.27 16.07 -1.41
N SER C 280 13.22 17.38 -1.09
CA SER C 280 14.23 18.08 -0.24
C SER C 280 13.73 18.10 1.19
N MET C 281 14.55 17.58 2.09
CA MET C 281 14.44 17.72 3.56
C MET C 281 15.62 18.58 4.00
N LEU C 282 16.30 19.21 3.04
CA LEU C 282 17.48 20.06 3.33
C LEU C 282 17.03 21.29 4.10
N THR C 283 17.97 21.90 4.81
CA THR C 283 17.67 23.00 5.75
C THR C 283 18.54 24.21 5.40
N LYS C 284 19.41 24.08 4.39
CA LYS C 284 20.38 25.14 4.01
C LYS C 284 20.66 25.01 2.51
N LYS C 285 21.23 26.06 1.92
CA LYS C 285 21.66 26.05 0.50
C LYS C 285 22.84 25.08 0.39
N LEU C 286 22.91 24.32 -0.70
CA LEU C 286 23.96 23.28 -0.93
C LEU C 286 24.74 23.65 -2.18
N HIS C 287 26.05 23.90 -2.03
CA HIS C 287 26.96 24.23 -3.16
C HIS C 287 28.15 23.26 -3.13
N PHE C 288 28.69 22.95 -4.31
CA PHE C 288 29.90 22.11 -4.49
C PHE C 288 31.01 22.98 -5.10
N PHE C 289 31.31 24.11 -4.45
CA PHE C 289 32.39 25.04 -4.90
C PHE C 289 33.70 24.27 -4.88
N PRO C 290 34.62 24.54 -5.84
CA PRO C 290 35.90 23.84 -5.87
C PRO C 290 36.59 23.97 -4.51
N LYS C 291 37.10 22.88 -3.95
CA LYS C 291 37.83 22.89 -2.65
C LYS C 291 39.28 23.31 -2.91
N SER C 292 39.84 24.15 -2.04
CA SER C 292 41.24 24.65 -2.16
C SER C 292 42.25 23.53 -1.82
N ASN C 293 42.87 22.97 -2.87
CA ASN C 293 43.83 21.84 -2.84
C ASN C 293 45.20 22.36 -3.29
N MET D 30 19.06 29.56 -26.94
CA MET D 30 20.07 28.90 -26.07
C MET D 30 19.49 28.65 -24.68
N PHE D 31 20.00 27.61 -24.00
CA PHE D 31 19.61 27.13 -22.64
C PHE D 31 20.09 28.10 -21.56
N ASP D 32 19.29 28.33 -20.50
CA ASP D 32 19.56 29.36 -19.45
C ASP D 32 19.41 28.80 -18.04
N PRO D 33 20.50 28.65 -17.26
CA PRO D 33 20.42 28.16 -15.89
C PRO D 33 19.64 29.00 -14.85
N ALA D 34 19.33 30.26 -15.14
CA ALA D 34 18.69 31.20 -14.18
C ALA D 34 17.26 31.52 -14.64
N GLU D 35 16.74 30.73 -15.59
CA GLU D 35 15.40 30.93 -16.20
C GLU D 35 14.33 30.86 -15.10
N LYS D 36 13.44 31.87 -15.09
CA LYS D 36 12.33 32.04 -14.11
C LYS D 36 10.99 31.72 -14.78
N TYR D 37 10.02 31.25 -14.01
CA TYR D 37 8.60 31.22 -14.44
C TYR D 37 8.24 32.66 -14.79
N LYS D 38 7.45 32.87 -15.84
CA LYS D 38 6.94 34.21 -16.19
C LYS D 38 5.85 34.59 -15.18
N MET D 39 6.10 35.66 -14.43
CA MET D 39 5.25 36.05 -13.28
C MET D 39 4.78 37.50 -13.47
N ASP D 40 4.47 37.87 -14.71
CA ASP D 40 4.11 39.24 -15.18
C ASP D 40 2.72 39.21 -15.88
N HIS D 41 1.85 38.25 -15.55
CA HIS D 41 0.43 38.23 -16.01
C HIS D 41 -0.35 39.33 -15.27
N ARG D 42 -1.59 39.63 -15.66
CA ARG D 42 -2.37 40.75 -15.07
C ARG D 42 -2.57 40.50 -13.56
N ARG D 43 -3.03 39.30 -13.18
CA ARG D 43 -3.26 38.90 -11.77
C ARG D 43 -2.25 37.81 -11.37
N ARG D 44 -1.91 37.73 -10.08
CA ARG D 44 -1.05 36.66 -9.52
C ARG D 44 -1.77 35.30 -9.66
N GLY D 45 -3.04 35.22 -9.24
CA GLY D 45 -3.88 34.02 -9.36
C GLY D 45 -4.63 33.67 -8.08
N ILE D 46 -5.28 32.51 -8.06
CA ILE D 46 -6.10 32.10 -6.89
C ILE D 46 -5.25 31.31 -5.88
N ALA D 47 -5.51 31.53 -4.59
CA ALA D 47 -5.13 30.63 -3.48
C ALA D 47 -6.40 30.04 -2.86
N LEU D 48 -6.69 28.76 -3.12
CA LEU D 48 -7.74 28.01 -2.40
C LEU D 48 -7.21 27.62 -1.03
N ILE D 49 -8.02 27.80 0.02
CA ILE D 49 -7.77 27.24 1.37
C ILE D 49 -8.98 26.44 1.83
N PHE D 50 -8.88 25.12 1.81
CA PHE D 50 -9.85 24.20 2.43
C PHE D 50 -9.45 24.00 3.89
N ASN D 51 -10.29 24.47 4.80
CA ASN D 51 -9.98 24.53 6.25
C ASN D 51 -10.98 23.66 7.01
N HIS D 52 -10.48 22.59 7.64
CA HIS D 52 -11.29 21.57 8.35
C HIS D 52 -10.95 21.58 9.85
N GLU D 53 -11.96 21.89 10.68
CA GLU D 53 -11.87 22.03 12.16
C GLU D 53 -12.58 20.87 12.83
N ARG D 54 -13.75 20.49 12.31
CA ARG D 54 -14.63 19.43 12.85
C ARG D 54 -14.92 18.42 11.75
N PHE D 55 -15.36 17.23 12.15
CA PHE D 55 -15.67 16.10 11.23
C PHE D 55 -16.95 15.40 11.67
N PHE D 56 -17.67 14.84 10.71
CA PHE D 56 -18.77 13.87 10.91
C PHE D 56 -18.47 12.97 12.13
N TRP D 57 -19.43 12.78 13.03
CA TRP D 57 -19.22 12.02 14.28
C TRP D 57 -18.61 10.65 13.94
N HIS D 58 -19.17 9.94 12.94
CA HIS D 58 -18.93 8.49 12.67
C HIS D 58 -17.59 8.26 11.96
N LEU D 59 -16.77 9.31 11.82
CA LEU D 59 -15.34 9.21 11.39
C LEU D 59 -14.41 9.10 12.61
N THR D 60 -14.84 9.60 13.77
CA THR D 60 -14.08 9.55 15.04
C THR D 60 -12.71 10.21 14.81
N LEU D 61 -12.74 11.46 14.34
CA LEU D 61 -11.54 12.32 14.17
C LEU D 61 -11.72 13.53 15.07
N PRO D 62 -10.66 13.96 15.78
CA PRO D 62 -10.76 15.09 16.68
C PRO D 62 -10.82 16.47 15.99
N GLU D 63 -11.52 17.41 16.62
CA GLU D 63 -11.43 18.86 16.35
C GLU D 63 -9.96 19.23 16.18
N ARG D 64 -9.67 20.14 15.25
CA ARG D 64 -8.30 20.64 15.06
C ARG D 64 -8.27 22.09 15.56
N ARG D 65 -8.42 22.30 16.86
CA ARG D 65 -8.48 23.66 17.46
C ARG D 65 -7.15 24.37 17.15
N GLY D 66 -7.21 25.51 16.46
CA GLY D 66 -6.03 26.29 16.02
C GLY D 66 -5.99 26.42 14.50
N THR D 67 -6.78 25.62 13.78
CA THR D 67 -6.73 25.57 12.31
C THR D 67 -7.17 26.91 11.74
N CYS D 68 -8.00 27.65 12.47
CA CYS D 68 -8.51 28.98 12.02
C CYS D 68 -7.33 29.97 12.03
N ALA D 69 -6.43 29.88 13.01
CA ALA D 69 -5.21 30.72 13.07
C ALA D 69 -4.40 30.50 11.79
N ASP D 70 -4.30 29.23 11.36
CA ASP D 70 -3.57 28.84 10.13
C ASP D 70 -4.26 29.50 8.93
N ARG D 71 -5.58 29.30 8.83
CA ARG D 71 -6.39 29.81 7.70
C ARG D 71 -6.20 31.32 7.57
N ASP D 72 -6.24 32.05 8.68
CA ASP D 72 -6.23 33.54 8.69
C ASP D 72 -4.80 34.01 8.37
N ASN D 73 -3.80 33.44 9.05
CA ASN D 73 -2.35 33.75 8.83
C ASN D 73 -2.01 33.51 7.35
N LEU D 74 -2.43 32.39 6.77
CA LEU D 74 -2.22 32.09 5.32
C LEU D 74 -2.94 33.17 4.49
N THR D 75 -4.23 33.38 4.75
CA THR D 75 -5.08 34.34 3.99
C THR D 75 -4.32 35.67 3.91
N ARG D 76 -3.78 36.16 5.03
CA ARG D 76 -3.08 37.46 5.06
C ARG D 76 -1.87 37.36 4.13
N ARG D 77 -1.00 36.38 4.36
CA ARG D 77 0.35 36.35 3.73
C ARG D 77 0.21 36.20 2.22
N PHE D 78 -0.73 35.38 1.80
CA PHE D 78 -0.96 35.08 0.37
C PHE D 78 -1.63 36.30 -0.29
N SER D 79 -2.50 37.01 0.42
CA SER D 79 -3.10 38.29 -0.05
C SER D 79 -1.98 39.28 -0.36
N ASP D 80 -1.03 39.46 0.56
CA ASP D 80 0.04 40.48 0.41
C ASP D 80 0.90 40.13 -0.82
N LEU D 81 0.85 38.89 -1.32
CA LEU D 81 1.65 38.49 -2.51
C LEU D 81 0.83 38.60 -3.79
N GLY D 82 -0.42 39.08 -3.67
CA GLY D 82 -1.27 39.41 -4.82
C GLY D 82 -2.28 38.32 -5.14
N PHE D 83 -2.38 37.30 -4.30
CA PHE D 83 -3.32 36.17 -4.52
C PHE D 83 -4.72 36.64 -4.17
N GLU D 84 -5.70 36.24 -4.98
CA GLU D 84 -7.14 36.26 -4.65
C GLU D 84 -7.40 35.02 -3.77
N VAL D 85 -7.40 35.19 -2.45
CA VAL D 85 -7.57 34.05 -1.48
C VAL D 85 -9.05 33.70 -1.38
N LYS D 86 -9.41 32.43 -1.47
CA LYS D 86 -10.82 31.96 -1.27
C LYS D 86 -10.79 30.80 -0.27
N CYS D 87 -11.23 31.04 0.97
CA CYS D 87 -11.31 30.03 2.06
C CYS D 87 -12.66 29.31 2.00
N PHE D 88 -12.69 28.05 2.44
CA PHE D 88 -13.93 27.22 2.55
C PHE D 88 -13.85 26.35 3.79
N ASN D 89 -14.78 26.57 4.71
CA ASN D 89 -14.77 25.94 6.06
C ASN D 89 -15.65 24.67 6.05
N ASP D 90 -15.03 23.54 6.36
CA ASP D 90 -15.70 22.26 6.72
C ASP D 90 -16.64 21.80 5.60
N LEU D 91 -16.21 21.89 4.34
CA LEU D 91 -17.01 21.38 3.20
C LEU D 91 -17.11 19.85 3.28
N LYS D 92 -18.23 19.29 2.85
CA LYS D 92 -18.38 17.83 2.63
C LYS D 92 -17.67 17.47 1.30
N ALA D 93 -17.46 16.18 1.05
CA ALA D 93 -16.65 15.72 -0.10
C ALA D 93 -17.23 16.33 -1.37
N GLU D 94 -18.55 16.22 -1.56
CA GLU D 94 -19.23 16.71 -2.78
C GLU D 94 -18.96 18.20 -2.93
N GLU D 95 -19.20 18.98 -1.89
CA GLU D 95 -19.07 20.47 -1.96
C GLU D 95 -17.63 20.80 -2.35
N LEU D 96 -16.66 20.12 -1.75
CA LEU D 96 -15.21 20.37 -1.96
C LEU D 96 -14.87 20.08 -3.42
N LEU D 97 -15.24 18.90 -3.90
CA LEU D 97 -14.98 18.49 -5.29
C LEU D 97 -15.62 19.49 -6.27
N LEU D 98 -16.85 19.92 -6.05
CA LEU D 98 -17.49 20.97 -6.89
C LEU D 98 -16.62 22.23 -6.85
N LYS D 99 -16.23 22.72 -5.66
CA LYS D 99 -15.53 24.02 -5.60
C LYS D 99 -14.20 23.91 -6.35
N ILE D 100 -13.49 22.81 -6.19
CA ILE D 100 -12.13 22.69 -6.77
C ILE D 100 -12.27 22.42 -8.28
N HIS D 101 -13.27 21.66 -8.71
CA HIS D 101 -13.53 21.41 -10.16
C HIS D 101 -13.91 22.73 -10.86
N GLU D 102 -14.78 23.54 -10.24
CA GLU D 102 -15.12 24.91 -10.69
C GLU D 102 -13.82 25.66 -10.98
N VAL D 103 -12.98 25.80 -9.97
CA VAL D 103 -11.71 26.58 -10.10
C VAL D 103 -10.85 25.97 -11.24
N SER D 104 -10.93 24.67 -11.47
CA SER D 104 -10.07 24.00 -12.47
C SER D 104 -10.54 24.37 -13.89
N THR D 105 -11.84 24.66 -14.07
CA THR D 105 -12.47 24.80 -15.41
C THR D 105 -12.72 26.28 -15.76
N VAL D 106 -12.66 27.19 -14.80
CA VAL D 106 -12.47 28.64 -15.06
C VAL D 106 -11.13 28.82 -15.80
N SER D 107 -10.99 29.88 -16.61
CA SER D 107 -9.71 30.28 -17.28
C SER D 107 -8.79 30.92 -16.26
N HIS D 108 -7.55 30.45 -16.18
CA HIS D 108 -6.42 31.08 -15.43
C HIS D 108 -5.45 31.78 -16.40
N ALA D 109 -5.89 31.98 -17.65
CA ALA D 109 -5.04 32.48 -18.77
C ALA D 109 -4.30 33.76 -18.35
N ASP D 110 -4.93 34.64 -17.57
CA ASP D 110 -4.37 35.96 -17.18
C ASP D 110 -3.75 35.91 -15.78
N ALA D 111 -3.27 34.75 -15.34
CA ALA D 111 -2.74 34.54 -13.97
C ALA D 111 -1.35 33.90 -14.03
N ASP D 112 -0.53 34.21 -13.02
CA ASP D 112 0.86 33.72 -12.90
C ASP D 112 0.88 32.24 -12.52
N CYS D 113 0.05 31.84 -11.57
CA CYS D 113 0.17 30.53 -10.89
C CYS D 113 -1.12 30.21 -10.14
N PHE D 114 -1.11 29.07 -9.45
CA PHE D 114 -2.23 28.56 -8.61
C PHE D 114 -1.67 27.95 -7.33
N VAL D 115 -2.36 28.24 -6.23
CA VAL D 115 -2.04 27.73 -4.88
C VAL D 115 -3.30 27.07 -4.32
N CYS D 116 -3.16 25.90 -3.74
CA CYS D 116 -4.25 25.16 -3.09
C CYS D 116 -3.73 24.63 -1.75
N VAL D 117 -4.45 24.89 -0.67
CA VAL D 117 -3.99 24.54 0.71
C VAL D 117 -5.04 23.65 1.38
N PHE D 118 -4.60 22.55 1.98
CA PHE D 118 -5.47 21.64 2.79
C PHE D 118 -4.99 21.68 4.23
N LEU D 119 -5.89 22.12 5.10
CA LEU D 119 -5.76 22.10 6.58
C LEU D 119 -6.82 21.11 7.07
N SER D 120 -6.41 19.86 7.31
CA SER D 120 -7.32 18.78 7.75
C SER D 120 -6.49 17.63 8.32
N HIS D 121 -7.14 16.48 8.52
CA HIS D 121 -6.49 15.18 8.76
C HIS D 121 -6.29 14.49 7.41
N GLY D 122 -5.37 13.52 7.37
CA GLY D 122 -5.12 12.67 6.19
C GLY D 122 -4.61 11.30 6.57
N GLU D 123 -4.47 10.44 5.56
CA GLU D 123 -3.98 9.06 5.66
C GLU D 123 -3.53 8.68 4.26
N GLY D 124 -2.27 8.25 4.10
CA GLY D 124 -1.73 7.73 2.83
C GLY D 124 -1.85 8.75 1.72
N ASN D 125 -2.66 8.45 0.72
CA ASN D 125 -2.80 9.34 -0.47
C ASN D 125 -4.15 10.06 -0.36
N HIS D 126 -4.67 10.23 0.86
CA HIS D 126 -6.03 10.80 1.09
C HIS D 126 -5.98 12.00 2.03
N ILE D 127 -6.84 12.98 1.76
CA ILE D 127 -7.12 14.13 2.65
C ILE D 127 -8.56 13.97 3.13
N TYR D 128 -8.87 14.43 4.33
CA TYR D 128 -10.23 14.30 4.91
C TYR D 128 -11.03 15.58 4.65
N ALA D 129 -12.14 15.43 3.92
CA ALA D 129 -13.27 16.40 3.93
C ALA D 129 -14.00 16.23 5.25
N TYR D 130 -15.14 16.91 5.46
CA TYR D 130 -15.97 16.80 6.68
C TYR D 130 -16.46 15.34 6.82
N ASP D 131 -16.88 14.71 5.73
CA ASP D 131 -17.68 13.46 5.79
C ASP D 131 -16.90 12.25 5.25
N ALA D 132 -15.83 12.44 4.48
CA ALA D 132 -15.08 11.30 3.91
C ALA D 132 -13.74 11.77 3.38
N LYS D 133 -12.91 10.79 2.99
CA LYS D 133 -11.53 11.04 2.49
C LYS D 133 -11.61 11.17 0.97
N ILE D 134 -10.71 11.97 0.43
CA ILE D 134 -10.56 12.21 -1.03
C ILE D 134 -9.13 11.89 -1.46
N GLU D 135 -9.01 11.21 -2.60
CA GLU D 135 -7.72 10.83 -3.22
C GLU D 135 -7.02 12.14 -3.65
N ILE D 136 -5.88 12.47 -3.05
CA ILE D 136 -5.07 13.69 -3.39
C ILE D 136 -4.79 13.74 -4.91
N GLN D 137 -4.44 12.60 -5.50
CA GLN D 137 -4.20 12.47 -6.96
C GLN D 137 -5.38 13.06 -7.75
N THR D 138 -6.64 12.82 -7.35
CA THR D 138 -7.81 13.32 -8.14
C THR D 138 -7.93 14.85 -8.02
N LEU D 139 -7.46 15.44 -6.92
CA LEU D 139 -7.45 16.91 -6.72
C LEU D 139 -6.34 17.55 -7.56
N THR D 140 -5.11 17.02 -7.51
CA THR D 140 -3.97 17.56 -8.29
C THR D 140 -4.23 17.26 -9.77
N GLY D 141 -4.88 16.14 -10.06
CA GLY D 141 -5.22 15.71 -11.44
C GLY D 141 -5.94 16.79 -12.22
N LEU D 142 -6.76 17.60 -11.56
CA LEU D 142 -7.66 18.55 -12.26
C LEU D 142 -6.84 19.70 -12.85
N PHE D 143 -5.59 19.87 -12.42
CA PHE D 143 -4.71 20.98 -12.90
C PHE D 143 -3.55 20.47 -13.78
N LYS D 144 -3.48 19.17 -14.05
CA LYS D 144 -2.52 18.56 -15.01
C LYS D 144 -2.68 19.26 -16.36
N GLY D 145 -1.60 19.56 -17.07
CA GLY D 145 -1.65 20.21 -18.39
C GLY D 145 -2.81 19.75 -19.25
N ASP D 146 -3.00 18.44 -19.35
CA ASP D 146 -4.11 17.79 -20.11
C ASP D 146 -5.41 18.56 -19.87
N LYS D 147 -5.81 18.75 -18.61
CA LYS D 147 -7.19 19.07 -18.15
C LYS D 147 -7.37 20.55 -17.87
N CYS D 148 -6.29 21.33 -17.76
CA CYS D 148 -6.36 22.78 -17.40
C CYS D 148 -5.33 23.56 -18.19
N HIS D 149 -5.67 23.94 -19.44
CA HIS D 149 -4.75 24.52 -20.45
C HIS D 149 -4.22 25.86 -19.94
N SER D 150 -5.07 26.66 -19.32
CA SER D 150 -4.72 28.01 -18.82
C SER D 150 -3.57 27.97 -17.80
N LEU D 151 -3.24 26.82 -17.21
CA LEU D 151 -2.17 26.70 -16.18
C LEU D 151 -0.97 25.88 -16.68
N VAL D 152 -1.02 25.37 -17.91
CA VAL D 152 0.14 24.68 -18.54
C VAL D 152 1.35 25.63 -18.47
N GLY D 153 2.48 25.14 -17.95
CA GLY D 153 3.76 25.86 -17.89
C GLY D 153 3.80 26.88 -16.77
N LYS D 154 2.74 26.95 -15.95
CA LYS D 154 2.65 27.86 -14.80
C LYS D 154 2.74 27.01 -13.53
N PRO D 155 3.38 27.51 -12.46
CA PRO D 155 3.48 26.77 -11.20
C PRO D 155 2.12 26.42 -10.59
N LYS D 156 1.97 25.18 -10.10
CA LYS D 156 0.79 24.76 -9.32
C LYS D 156 1.29 24.29 -7.96
N ILE D 157 1.17 25.13 -6.93
CA ILE D 157 1.67 24.84 -5.56
C ILE D 157 0.53 24.27 -4.72
N PHE D 158 0.72 23.06 -4.16
CA PHE D 158 -0.16 22.50 -3.10
C PHE D 158 0.61 22.49 -1.77
N ILE D 159 -0.06 22.97 -0.73
CA ILE D 159 0.44 23.00 0.67
C ILE D 159 -0.51 22.18 1.52
N ILE D 160 0.00 21.19 2.24
CA ILE D 160 -0.82 20.14 2.92
C ILE D 160 -0.37 20.01 4.38
N GLN D 161 -1.24 20.45 5.28
CA GLN D 161 -1.09 20.34 6.74
C GLN D 161 -2.11 19.29 7.17
N ALA D 162 -1.69 18.03 7.10
CA ALA D 162 -2.54 16.84 7.32
C ALA D 162 -1.71 15.73 7.95
N ALA D 163 -2.32 15.05 8.92
CA ALA D 163 -1.71 13.97 9.71
C ALA D 163 -2.84 13.15 10.35
N ARG D 164 -2.50 12.19 11.21
CA ARG D 164 -3.44 11.19 11.80
C ARG D 164 -4.15 11.79 13.01
N GLY D 165 -5.48 11.70 13.05
CA GLY D 165 -6.29 12.18 14.19
C GLY D 165 -5.86 11.59 15.52
N ASN D 166 -5.32 12.44 16.40
CA ASN D 166 -4.74 12.13 17.74
C ASN D 166 -5.62 11.13 18.53
N GLN D 167 -6.83 11.54 18.95
CA GLN D 167 -7.68 10.90 20.00
C GLN D 167 -6.93 10.99 21.33
N THR D 187 -4.74 27.28 28.30
CA THR D 187 -5.45 27.92 27.15
C THR D 187 -4.84 27.42 25.83
N ASN D 188 -3.55 27.69 25.59
CA ASN D 188 -2.80 27.32 24.34
C ASN D 188 -2.00 26.04 24.58
N ILE D 189 -2.63 24.87 24.42
CA ILE D 189 -1.96 23.54 24.47
C ILE D 189 -1.27 23.30 23.12
N THR D 190 -0.19 22.51 23.08
CA THR D 190 0.42 21.98 21.84
C THR D 190 -0.03 20.54 21.62
N GLU D 191 -0.87 20.26 20.62
CA GLU D 191 -1.31 18.89 20.22
C GLU D 191 -0.34 18.33 19.18
N VAL D 192 -0.14 17.00 19.18
CA VAL D 192 0.88 16.30 18.36
C VAL D 192 0.24 15.09 17.64
N ASP D 193 0.33 15.06 16.31
CA ASP D 193 -0.22 13.99 15.44
C ASP D 193 0.96 13.31 14.75
N ALA D 194 0.85 12.00 14.54
CA ALA D 194 1.84 11.21 13.78
C ALA D 194 1.70 11.55 12.29
N ALA D 195 2.81 11.73 11.57
CA ALA D 195 2.80 11.85 10.10
C ALA D 195 2.01 10.67 9.52
N SER D 196 1.14 10.92 8.56
CA SER D 196 0.34 9.87 7.88
C SER D 196 0.29 10.07 6.37
N VAL D 197 0.37 11.29 5.86
CA VAL D 197 0.15 11.59 4.41
C VAL D 197 1.44 11.38 3.63
N TYR D 198 1.38 10.55 2.59
CA TYR D 198 2.52 10.29 1.69
C TYR D 198 2.97 11.62 1.08
N THR D 199 4.27 11.82 0.95
CA THR D 199 4.87 13.03 0.32
C THR D 199 4.84 12.82 -1.19
N LEU D 200 3.62 12.74 -1.73
CA LEU D 200 3.36 12.45 -3.16
C LEU D 200 3.98 13.54 -4.02
N PRO D 201 4.46 13.18 -5.23
CA PRO D 201 4.70 14.15 -6.28
C PRO D 201 3.35 14.44 -6.98
N ALA D 202 3.36 15.25 -8.01
CA ALA D 202 2.23 15.37 -8.96
C ALA D 202 2.84 15.39 -10.37
N GLY D 203 2.43 16.29 -11.24
CA GLY D 203 2.96 16.34 -12.62
C GLY D 203 3.95 17.47 -12.83
N ALA D 204 4.33 17.72 -14.08
CA ALA D 204 5.23 18.83 -14.44
C ALA D 204 4.69 20.13 -13.86
N ASP D 205 5.59 20.89 -13.23
CA ASP D 205 5.38 22.30 -12.78
C ASP D 205 4.49 22.30 -11.54
N PHE D 206 4.37 21.17 -10.86
CA PHE D 206 3.75 21.10 -9.51
C PHE D 206 4.84 21.24 -8.44
N LEU D 207 4.48 21.87 -7.31
CA LEU D 207 5.30 21.87 -6.08
C LEU D 207 4.39 21.42 -4.94
N MET D 208 4.61 20.20 -4.43
CA MET D 208 3.84 19.61 -3.31
C MET D 208 4.62 19.88 -2.03
N CYS D 209 3.95 20.50 -1.05
CA CYS D 209 4.57 20.99 0.22
C CYS D 209 3.85 20.31 1.38
N TYR D 210 4.62 19.69 2.28
CA TYR D 210 4.08 18.80 3.34
C TYR D 210 4.58 19.27 4.71
N SER D 211 3.65 19.41 5.65
CA SER D 211 3.88 19.77 7.08
C SER D 211 4.93 18.86 7.73
N VAL D 212 4.98 17.59 7.33
CA VAL D 212 5.73 16.54 8.06
C VAL D 212 6.06 15.38 7.12
N ALA D 213 7.20 14.72 7.34
CA ALA D 213 7.64 13.54 6.55
C ALA D 213 7.34 12.26 7.33
N GLU D 214 7.41 11.10 6.64
CA GLU D 214 7.28 9.75 7.28
C GLU D 214 8.24 9.66 8.46
N GLY D 215 7.82 9.03 9.56
CA GLY D 215 8.64 8.85 10.76
C GLY D 215 8.48 9.98 11.76
N TYR D 216 8.20 11.20 11.30
CA TYR D 216 8.17 12.40 12.17
C TYR D 216 6.73 12.70 12.62
N TYR D 217 6.56 13.87 13.26
CA TYR D 217 5.33 14.28 14.00
C TYR D 217 4.97 15.73 13.68
N SER D 218 3.68 16.00 13.48
CA SER D 218 3.11 17.33 13.19
C SER D 218 2.56 17.94 14.47
N HIS D 219 2.85 19.21 14.72
CA HIS D 219 2.46 19.97 15.95
C HIS D 219 1.46 21.08 15.61
N ARG D 220 0.44 21.27 16.44
CA ARG D 220 -0.51 22.42 16.37
C ARG D 220 -0.72 23.01 17.77
N GLU D 221 -0.30 24.26 17.97
CA GLU D 221 -0.70 25.12 19.11
C GLU D 221 -2.19 25.44 18.89
N THR D 222 -3.04 25.36 19.93
CA THR D 222 -4.53 25.46 19.77
C THR D 222 -4.98 26.92 19.61
N VAL D 223 -4.08 27.89 19.75
CA VAL D 223 -4.37 29.34 19.55
C VAL D 223 -3.50 29.87 18.42
N ASN D 224 -2.20 29.56 18.47
CA ASN D 224 -1.17 30.09 17.52
C ASN D 224 -1.19 29.33 16.19
N GLY D 225 -1.58 28.05 16.21
CA GLY D 225 -1.75 27.21 15.02
C GLY D 225 -0.58 26.24 14.77
N SER D 226 -0.66 25.51 13.67
CA SER D 226 0.34 24.51 13.24
C SER D 226 1.75 25.12 13.20
N TRP D 227 2.74 24.40 13.70
CA TRP D 227 4.18 24.80 13.62
C TRP D 227 4.53 25.10 12.16
N TYR D 228 4.23 24.18 11.25
CA TYR D 228 4.55 24.30 9.80
C TYR D 228 4.04 25.64 9.29
N ILE D 229 2.77 25.93 9.53
CA ILE D 229 2.07 27.11 8.93
C ILE D 229 2.61 28.39 9.59
N GLN D 230 2.85 28.35 10.89
CA GLN D 230 3.39 29.51 11.61
C GLN D 230 4.69 29.90 10.88
N ASP D 231 5.60 28.95 10.73
CA ASP D 231 6.96 29.23 10.20
C ASP D 231 6.85 29.55 8.70
N LEU D 232 5.98 28.86 7.96
CA LEU D 232 5.75 29.17 6.54
C LEU D 232 5.33 30.64 6.43
N CYS D 233 4.30 31.05 7.18
CA CYS D 233 3.71 32.41 7.13
C CYS D 233 4.75 33.44 7.59
N GLU D 234 5.51 33.16 8.65
CA GLU D 234 6.59 34.07 9.11
C GLU D 234 7.56 34.31 7.94
N MET D 235 8.01 33.23 7.29
CA MET D 235 9.00 33.32 6.18
C MET D 235 8.36 34.05 5.01
N LEU D 236 7.09 33.78 4.70
CA LEU D 236 6.35 34.53 3.64
C LEU D 236 6.37 36.02 3.97
N GLY D 237 6.01 36.39 5.21
CA GLY D 237 6.06 37.78 5.72
C GLY D 237 7.41 38.42 5.43
N LYS D 238 8.51 37.81 5.86
CA LYS D 238 9.86 38.42 5.76
C LYS D 238 10.37 38.35 4.32
N TYR D 239 10.24 37.22 3.64
CA TYR D 239 11.02 36.93 2.40
C TYR D 239 10.14 36.53 1.20
N GLY D 240 8.82 36.40 1.34
CA GLY D 240 7.92 35.95 0.27
C GLY D 240 8.24 36.59 -1.08
N SER D 241 8.48 37.91 -1.08
CA SER D 241 8.55 38.74 -2.31
C SER D 241 9.99 38.86 -2.83
N SER D 242 10.99 38.45 -2.05
CA SER D 242 12.42 38.49 -2.42
C SER D 242 12.89 37.11 -2.92
N LEU D 243 12.73 36.07 -2.09
CA LEU D 243 13.41 34.76 -2.25
C LEU D 243 12.67 33.87 -3.24
N GLU D 244 13.42 32.99 -3.89
CA GLU D 244 12.87 31.87 -4.71
C GLU D 244 12.10 30.95 -3.78
N PHE D 245 10.93 30.47 -4.21
CA PHE D 245 9.96 29.86 -3.27
C PHE D 245 10.56 28.60 -2.62
N THR D 246 11.29 27.77 -3.36
CA THR D 246 11.90 26.54 -2.78
C THR D 246 13.01 26.92 -1.79
N GLU D 247 13.75 28.02 -1.99
CA GLU D 247 14.74 28.54 -1.01
C GLU D 247 14.02 28.80 0.33
N LEU D 248 12.85 29.42 0.24
CA LEU D 248 12.01 29.80 1.40
C LEU D 248 11.53 28.52 2.10
N LEU D 249 10.99 27.58 1.34
CA LEU D 249 10.50 26.27 1.88
C LEU D 249 11.63 25.57 2.62
N THR D 250 12.87 25.74 2.15
CA THR D 250 14.09 25.20 2.77
C THR D 250 14.31 25.90 4.12
N LEU D 251 14.17 27.23 4.17
CA LEU D 251 14.19 27.98 5.45
C LEU D 251 13.15 27.39 6.41
N VAL D 252 11.94 27.12 5.92
CA VAL D 252 10.84 26.55 6.75
C VAL D 252 11.26 25.19 7.30
N ASN D 253 11.94 24.39 6.49
CA ASN D 253 12.50 23.08 6.93
C ASN D 253 13.45 23.35 8.11
N ARG D 254 14.39 24.29 7.97
CA ARG D 254 15.33 24.61 9.07
C ARG D 254 14.51 25.04 10.29
N LYS D 255 13.60 25.99 10.15
CA LYS D 255 12.90 26.62 11.30
C LYS D 255 12.16 25.54 12.08
N VAL D 256 11.46 24.64 11.39
CA VAL D 256 10.58 23.63 12.02
C VAL D 256 11.45 22.50 12.62
N SER D 257 12.53 22.12 11.95
CA SER D 257 13.43 21.05 12.42
C SER D 257 14.11 21.54 13.71
N GLN D 258 14.48 22.82 13.76
CA GLN D 258 15.17 23.45 14.91
C GLN D 258 14.21 23.69 16.10
N ARG D 259 12.89 23.59 15.96
CA ARG D 259 11.95 23.73 17.10
C ARG D 259 12.27 22.62 18.11
N ARG D 260 12.47 23.00 19.38
CA ARG D 260 12.96 22.11 20.46
C ARG D 260 11.75 21.38 21.05
N VAL D 261 11.94 20.10 21.35
CA VAL D 261 10.88 19.14 21.76
C VAL D 261 11.46 18.21 22.86
N ASP D 262 12.26 18.78 23.76
CA ASP D 262 12.94 18.07 24.88
C ASP D 262 12.22 18.38 26.21
N PHE D 263 11.92 19.65 26.54
CA PHE D 263 11.20 20.05 27.78
C PHE D 263 9.75 20.43 27.43
N CYS D 264 8.80 19.48 27.62
CA CYS D 264 7.40 19.53 27.09
C CYS D 264 6.36 19.37 28.22
N LYS D 265 5.30 20.20 28.20
CA LYS D 265 4.11 20.13 29.10
C LYS D 265 3.74 18.66 29.35
N ASP D 266 3.47 17.93 28.26
CA ASP D 266 3.13 16.49 28.23
C ASP D 266 4.45 15.71 28.22
N PRO D 267 4.66 14.70 29.10
CA PRO D 267 5.85 13.85 29.05
C PRO D 267 6.06 13.09 27.73
N SER D 268 4.96 12.61 27.09
CA SER D 268 4.99 11.68 25.93
C SER D 268 5.09 12.43 24.60
N ALA D 269 5.08 13.77 24.62
CA ALA D 269 5.29 14.63 23.43
C ALA D 269 6.81 14.90 23.27
N ILE D 270 7.64 14.36 24.17
CA ILE D 270 9.12 14.59 24.20
C ILE D 270 9.78 13.73 23.10
N GLY D 271 10.74 14.31 22.36
CA GLY D 271 11.56 13.61 21.36
C GLY D 271 10.77 13.30 20.08
N LYS D 272 9.66 14.00 19.88
CA LYS D 272 8.78 13.88 18.68
C LYS D 272 9.12 15.04 17.74
N LYS D 273 10.20 14.91 16.96
CA LYS D 273 10.70 16.00 16.09
C LYS D 273 9.73 16.19 14.91
N GLN D 274 9.74 17.38 14.33
CA GLN D 274 8.99 17.66 13.08
C GLN D 274 9.99 18.06 12.02
N VAL D 275 9.97 17.34 10.91
CA VAL D 275 10.74 17.64 9.67
C VAL D 275 9.74 17.64 8.52
N PRO D 276 9.43 18.82 7.96
CA PRO D 276 8.62 18.90 6.75
C PRO D 276 9.50 18.61 5.53
N CYS D 277 8.87 18.31 4.40
CA CYS D 277 9.55 18.29 3.09
C CYS D 277 8.71 18.94 1.98
N PHE D 278 9.33 19.07 0.81
CA PHE D 278 8.64 19.40 -0.45
C PHE D 278 9.16 18.55 -1.58
N ALA D 279 8.23 18.16 -2.47
CA ALA D 279 8.53 17.46 -3.73
C ALA D 279 8.35 18.49 -4.85
N SER D 280 9.46 18.89 -5.49
CA SER D 280 9.50 19.85 -6.63
C SER D 280 9.51 19.05 -7.92
N MET D 281 8.54 19.34 -8.78
CA MET D 281 8.48 18.93 -10.20
C MET D 281 8.64 20.22 -11.01
N LEU D 282 9.05 21.31 -10.37
CA LEU D 282 9.20 22.62 -11.05
C LEU D 282 10.36 22.52 -12.03
N THR D 283 10.35 23.41 -13.01
CA THR D 283 11.29 23.36 -14.15
C THR D 283 12.00 24.69 -14.27
N LYS D 284 11.67 25.67 -13.43
CA LYS D 284 12.22 27.05 -13.48
C LYS D 284 12.21 27.62 -12.07
N LYS D 285 12.97 28.71 -11.87
CA LYS D 285 13.00 29.44 -10.58
C LYS D 285 11.64 30.10 -10.40
N LEU D 286 11.12 30.13 -9.18
CA LEU D 286 9.78 30.69 -8.85
C LEU D 286 9.95 31.84 -7.87
N HIS D 287 9.56 33.05 -8.28
CA HIS D 287 9.59 34.27 -7.42
C HIS D 287 8.20 34.91 -7.39
N PHE D 288 7.88 35.56 -6.27
CA PHE D 288 6.61 36.32 -6.09
C PHE D 288 6.98 37.80 -5.90
N PHE D 289 7.73 38.36 -6.85
CA PHE D 289 8.14 39.79 -6.83
C PHE D 289 6.87 40.64 -6.85
N PRO D 290 6.85 41.80 -6.15
CA PRO D 290 5.68 42.67 -6.15
C PRO D 290 5.24 42.96 -7.59
N LYS D 291 3.95 42.83 -7.90
CA LYS D 291 3.41 43.16 -9.25
C LYS D 291 3.18 44.67 -9.30
N SER D 292 3.49 45.30 -10.45
CA SER D 292 3.39 46.77 -10.65
C SER D 292 1.91 47.20 -10.77
N ASN D 293 1.41 47.82 -9.69
CA ASN D 293 0.00 48.27 -9.51
C ASN D 293 -0.05 49.80 -9.47
#